data_6AEK
#
_entry.id   6AEK
#
_cell.length_a   54.486
_cell.length_b   94.071
_cell.length_c   74.680
_cell.angle_alpha   90.00
_cell.angle_beta   96.86
_cell.angle_gamma   90.00
#
_symmetry.space_group_name_H-M   'P 1 21 1'
#
loop_
_entity.id
_entity.type
_entity.pdbx_description
1 polymer 'Ectonucleotide pyrophosphatase/phosphodiesterase 1, isoform CRA_d'
2 branched alpha-D-mannopyranose-(1-4)-2-acetamido-2-deoxy-beta-D-glucopyranose-(1-4)-2-acetamido-2-deoxy-beta-D-glucopyranose
3 non-polymer 2-acetamido-2-deoxy-beta-D-glucopyranose
4 non-polymer 'ADENOSINE MONOPHOSPHATE'
5 non-polymer "GUANOSINE-5'-MONOPHOSPHATE"
6 non-polymer 'ZINC ION'
7 non-polymer 'CALCIUM ION'
8 non-polymer 'CHLORIDE ION'
9 non-polymer 1,2-ETHANEDIOL
10 water water
#
_entity_poly.entity_id   1
_entity_poly.type   'polypeptide(L)'
_entity_poly.pdbx_seq_one_letter_code
;GPKSWVEETCESIDTPECPAEFESPPTLLFSLDGFRAEYLHTWGGLLPVISKLKNCGTYTKNMRPMYPTKAFPNHYSIVT
GLYPESHGIIDNKMYDPKMNASFSLKSKEKFNPLWYKGQPIWVTANHQEVKSGTYFWPGSDVEIDGILPDIYKVYNGSVP
FEERILAVLEWLQLPSHERPHFYTLYLEEPDSSGHSHGPVSSEVIKALQKVDRLVGMLMDGLKDLGLDKCLNLILISDHG
MEQGSCKKYVYLNKYLGDVNNVKVVYGPAARLRPTDVPETYYSFNYEALAKNLSCREPNQHFRPYLKPFLPKRLHFAKSD
RIEPLTFYLDPQWQLALNPSERKYCGSGFHGSDNLFSNMQALFIGYGPAFKHGAEVDSFENIEVYNLMCDLLGLIPAPNN
GSHGSLNHLLKKPIYNPSHPKEEGFLSQCPIKSTSNDLGCTCDPWIVPIKDFEKQLNLTTEDDDIYHMTVPYGRPRILLK
QHRVCLLQQQQFLTGYSLDLLMPLWASYTFLSNDQFSRDDFSNCLYQDLRIPLSPVHKCSYYKSNSKLSYGFLTPPRLNR
VSNHIYSEALLTSNIVPMYQSFQVIWHYLHDTLLQRYAHERNGINVVSGPVFDFDYDGRYDSLEILKQNSRVIRSQEILI
PTHFFIVLTSCKQLSETPLECSALESSAYILPHRPDNIESCTHGKRESSWVEELLTLHRARVTDVELITGLSFYQDRQES
VSELLRLKTHLPIFSQED
;
_entity_poly.pdbx_strand_id   A
#
loop_
_chem_comp.id
_chem_comp.type
_chem_comp.name
_chem_comp.formula
5GP non-polymer GUANOSINE-5'-MONOPHOSPHATE 'C10 H14 N5 O8 P'
AMP non-polymer 'ADENOSINE MONOPHOSPHATE' 'C10 H14 N5 O7 P'
CA non-polymer 'CALCIUM ION' 'Ca 2'
CL non-polymer 'CHLORIDE ION' 'Cl -1'
EDO non-polymer 1,2-ETHANEDIOL 'C2 H6 O2'
MAN D-saccharide, alpha linking alpha-D-mannopyranose 'C6 H12 O6'
NAG D-saccharide, beta linking 2-acetamido-2-deoxy-beta-D-glucopyranose 'C8 H15 N O6'
ZN non-polymer 'ZINC ION' 'Zn 2'
#
# COMPACT_ATOMS: atom_id res chain seq x y z
N LYS A 3 -40.17 -16.08 -14.42
CA LYS A 3 -39.55 -16.11 -13.09
C LYS A 3 -38.51 -15.01 -12.95
N SER A 4 -37.95 -14.87 -11.75
CA SER A 4 -36.99 -13.83 -11.46
C SER A 4 -35.57 -14.29 -11.78
N TRP A 5 -34.65 -13.33 -11.79
CA TRP A 5 -33.26 -13.67 -12.10
C TRP A 5 -32.65 -14.57 -11.02
N VAL A 6 -32.90 -14.25 -9.76
CA VAL A 6 -32.29 -15.00 -8.66
C VAL A 6 -32.75 -16.45 -8.63
N GLU A 7 -33.90 -16.75 -9.22
CA GLU A 7 -34.40 -18.12 -9.22
C GLU A 7 -33.85 -18.95 -10.36
N GLU A 8 -33.36 -18.32 -11.44
CA GLU A 8 -32.72 -19.07 -12.52
C GLU A 8 -31.48 -19.78 -12.03
N THR A 9 -31.21 -20.95 -12.63
CA THR A 9 -29.99 -21.67 -12.33
C THR A 9 -28.79 -20.95 -12.95
N CYS A 10 -27.64 -21.11 -12.31
CA CYS A 10 -26.44 -20.44 -12.78
C CYS A 10 -25.90 -21.13 -14.04
N GLU A 11 -25.67 -20.33 -15.10
CA GLU A 11 -25.15 -20.83 -16.37
C GLU A 11 -24.01 -19.95 -16.86
N SER A 12 -23.01 -20.58 -17.48
CA SER A 12 -21.84 -19.86 -17.95
C SER A 12 -22.20 -18.91 -19.09
N ILE A 13 -21.69 -17.67 -19.00
CA ILE A 13 -21.90 -16.69 -20.06
C ILE A 13 -20.59 -16.55 -20.83
N ASP A 14 -20.34 -17.48 -21.76
CA ASP A 14 -19.04 -17.50 -22.43
C ASP A 14 -18.99 -16.53 -23.60
N THR A 15 -20.13 -16.12 -24.14
CA THR A 15 -20.24 -15.07 -25.12
C THR A 15 -21.36 -14.14 -24.67
N PRO A 16 -21.16 -12.83 -24.73
CA PRO A 16 -22.24 -11.91 -24.34
C PRO A 16 -23.50 -12.17 -25.16
N GLU A 17 -24.63 -12.22 -24.47
CA GLU A 17 -25.94 -12.47 -25.09
C GLU A 17 -26.69 -11.15 -25.07
N CYS A 18 -26.54 -10.39 -26.15
CA CYS A 18 -26.93 -8.99 -26.22
C CYS A 18 -28.05 -8.78 -27.22
N PRO A 19 -28.99 -7.88 -26.94
CA PRO A 19 -29.94 -7.44 -27.97
C PRO A 19 -29.20 -6.69 -29.07
N ALA A 20 -29.77 -6.75 -30.28
CA ALA A 20 -29.07 -6.26 -31.47
C ALA A 20 -28.60 -4.81 -31.31
N GLU A 21 -29.30 -4.02 -30.51
CA GLU A 21 -28.98 -2.61 -30.30
C GLU A 21 -27.81 -2.40 -29.35
N PHE A 22 -27.14 -3.46 -28.92
CA PHE A 22 -25.93 -3.37 -28.10
C PHE A 22 -24.78 -4.05 -28.83
N GLU A 23 -23.76 -3.28 -29.20
CA GLU A 23 -22.57 -3.87 -29.81
C GLU A 23 -21.74 -4.63 -28.78
N SER A 24 -21.82 -4.26 -27.51
CA SER A 24 -21.01 -4.86 -26.46
C SER A 24 -21.71 -4.62 -25.12
N PRO A 25 -21.38 -5.41 -24.10
CA PRO A 25 -22.03 -5.23 -22.79
C PRO A 25 -21.56 -3.97 -22.12
N PRO A 26 -22.47 -3.22 -21.49
CA PRO A 26 -22.04 -2.11 -20.63
C PRO A 26 -21.41 -2.66 -19.35
N THR A 27 -20.83 -1.75 -18.58
CA THR A 27 -20.37 -2.01 -17.23
C THR A 27 -21.15 -1.13 -16.27
N LEU A 28 -21.62 -1.71 -15.16
CA LEU A 28 -22.30 -0.99 -14.10
C LEU A 28 -21.54 -1.17 -12.80
N LEU A 29 -21.16 -0.05 -12.18
CA LEU A 29 -20.46 -0.03 -10.90
C LEU A 29 -21.48 0.31 -9.81
N PHE A 30 -21.74 -0.63 -8.90
CA PHE A 30 -22.85 -0.54 -7.93
C PHE A 30 -22.27 -0.57 -6.52
N SER A 31 -22.34 0.56 -5.80
CA SER A 31 -21.77 0.68 -4.46
C SER A 31 -22.83 0.56 -3.37
N LEU A 32 -22.58 -0.34 -2.43
CA LEU A 32 -23.37 -0.51 -1.21
C LEU A 32 -22.49 0.04 -0.09
N ASP A 33 -22.73 1.30 0.29
CA ASP A 33 -21.85 2.00 1.22
C ASP A 33 -21.71 1.21 2.52
N GLY A 34 -20.45 1.04 2.96
CA GLY A 34 -20.17 0.47 4.26
C GLY A 34 -20.54 -0.99 4.42
N PHE A 35 -20.64 -1.73 3.33
CA PHE A 35 -20.89 -3.17 3.33
C PHE A 35 -19.55 -3.84 3.65
N ARG A 36 -19.31 -4.18 4.91
CA ARG A 36 -18.03 -4.81 5.25
C ARG A 36 -18.01 -6.24 4.75
N ALA A 37 -16.82 -6.68 4.33
CA ALA A 37 -16.67 -8.00 3.73
C ALA A 37 -17.31 -9.09 4.59
N GLU A 38 -17.17 -8.96 5.91
CA GLU A 38 -17.63 -10.00 6.83
C GLU A 38 -19.15 -10.17 6.80
N TYR A 39 -19.90 -9.11 6.48
CA TYR A 39 -21.35 -9.24 6.38
C TYR A 39 -21.74 -10.38 5.45
N LEU A 40 -21.03 -10.54 4.34
CA LEU A 40 -21.36 -11.63 3.43
C LEU A 40 -20.78 -12.96 3.91
N HIS A 41 -19.64 -12.94 4.60
CA HIS A 41 -19.09 -14.16 5.19
C HIS A 41 -20.11 -14.82 6.10
N THR A 42 -20.79 -14.03 6.92
CA THR A 42 -21.61 -14.52 8.02
C THR A 42 -23.09 -14.64 7.68
N TRP A 43 -23.66 -13.66 6.97
CA TRP A 43 -25.09 -13.65 6.71
C TRP A 43 -25.43 -13.93 5.24
N GLY A 44 -24.56 -14.64 4.52
CA GLY A 44 -24.83 -14.95 3.13
C GLY A 44 -26.12 -15.70 2.93
N GLY A 45 -26.48 -16.57 3.89
CA GLY A 45 -27.71 -17.34 3.77
C GLY A 45 -28.97 -16.50 3.78
N LEU A 46 -28.87 -15.27 4.26
CA LEU A 46 -29.98 -14.33 4.30
C LEU A 46 -30.01 -13.40 3.08
N LEU A 47 -29.03 -13.51 2.19
CA LEU A 47 -28.89 -12.63 1.03
C LEU A 47 -28.84 -13.49 -0.22
N PRO A 48 -30.00 -13.97 -0.69
CA PRO A 48 -29.99 -14.90 -1.84
C PRO A 48 -29.47 -14.28 -3.13
N VAL A 49 -29.77 -13.01 -3.40
CA VAL A 49 -29.36 -12.40 -4.66
C VAL A 49 -27.86 -12.17 -4.67
N ILE A 50 -27.32 -11.55 -3.63
CA ILE A 50 -25.88 -11.30 -3.57
C ILE A 50 -25.10 -12.61 -3.53
N SER A 51 -25.65 -13.64 -2.89
CA SER A 51 -24.98 -14.95 -2.89
C SER A 51 -24.93 -15.55 -4.29
N LYS A 52 -26.00 -15.38 -5.08
CA LYS A 52 -25.95 -15.91 -6.45
C LYS A 52 -24.92 -15.16 -7.29
N LEU A 53 -24.89 -13.82 -7.18
CA LEU A 53 -23.86 -13.06 -7.87
C LEU A 53 -22.47 -13.56 -7.51
N LYS A 54 -22.23 -13.84 -6.23
CA LYS A 54 -20.94 -14.35 -5.79
C LYS A 54 -20.68 -15.77 -6.29
N ASN A 55 -21.66 -16.65 -6.17
CA ASN A 55 -21.45 -18.04 -6.53
C ASN A 55 -21.40 -18.24 -8.04
N CYS A 56 -22.12 -17.41 -8.79
CA CYS A 56 -22.13 -17.47 -10.25
C CYS A 56 -21.18 -16.44 -10.86
N GLY A 57 -20.24 -15.94 -10.06
CA GLY A 57 -19.38 -14.86 -10.51
C GLY A 57 -18.00 -14.89 -9.89
N THR A 58 -17.32 -13.75 -9.91
CA THR A 58 -15.96 -13.62 -9.43
C THR A 58 -15.96 -12.82 -8.14
N TYR A 59 -15.37 -13.39 -7.10
CA TYR A 59 -15.53 -12.90 -5.74
C TYR A 59 -14.18 -12.98 -5.03
N THR A 60 -13.91 -11.99 -4.17
CA THR A 60 -12.83 -12.08 -3.19
C THR A 60 -13.41 -11.88 -1.80
N LYS A 61 -12.91 -12.68 -0.84
CA LYS A 61 -13.34 -12.56 0.56
C LYS A 61 -13.09 -11.17 1.11
N ASN A 62 -12.08 -10.48 0.59
CA ASN A 62 -11.71 -9.17 1.11
C ASN A 62 -11.18 -8.31 -0.02
N MET A 63 -11.87 -7.20 -0.31
CA MET A 63 -11.26 -6.15 -1.12
C MET A 63 -10.66 -5.12 -0.16
N ARG A 64 -9.37 -4.85 -0.34
CA ARG A 64 -8.68 -3.93 0.57
C ARG A 64 -8.98 -2.50 0.17
N PRO A 65 -9.54 -1.68 1.06
CA PRO A 65 -9.80 -0.27 0.74
C PRO A 65 -8.53 0.57 0.89
N MET A 66 -8.68 1.86 0.69
CA MET A 66 -7.59 2.82 0.90
C MET A 66 -7.74 3.52 2.24
N TYR A 67 -6.61 4.01 2.75
CA TYR A 67 -6.59 4.79 3.99
C TYR A 67 -6.77 6.27 3.69
N PRO A 68 -7.60 7.01 4.45
CA PRO A 68 -8.41 6.51 5.57
C PRO A 68 -9.68 5.85 5.03
N THR A 69 -10.24 4.89 5.74
CA THR A 69 -11.32 4.06 5.19
C THR A 69 -12.66 4.80 5.33
N LYS A 70 -12.82 5.83 4.49
CA LYS A 70 -13.97 6.73 4.47
C LYS A 70 -14.58 6.76 3.07
N ALA A 71 -15.83 7.27 2.98
CA ALA A 71 -16.59 7.15 1.73
C ALA A 71 -15.93 7.89 0.58
N PHE A 72 -15.62 9.18 0.76
CA PHE A 72 -15.20 9.97 -0.39
C PHE A 72 -13.81 9.58 -0.88
N PRO A 73 -12.80 9.42 -0.02
CA PRO A 73 -11.51 8.93 -0.55
C PRO A 73 -11.61 7.58 -1.27
N ASN A 74 -12.44 6.67 -0.77
CA ASN A 74 -12.46 5.35 -1.37
C ASN A 74 -13.30 5.29 -2.64
N HIS A 75 -14.51 5.89 -2.64
CA HIS A 75 -15.25 5.92 -3.91
C HIS A 75 -14.43 6.56 -5.01
N TYR A 76 -13.73 7.65 -4.68
CA TYR A 76 -12.99 8.36 -5.72
C TYR A 76 -11.73 7.58 -6.12
N SER A 77 -11.10 6.86 -5.18
CA SER A 77 -10.03 5.92 -5.55
C SER A 77 -10.53 4.85 -6.53
N ILE A 78 -11.70 4.28 -6.27
CA ILE A 78 -12.22 3.22 -7.13
C ILE A 78 -12.30 3.68 -8.59
N VAL A 79 -12.76 4.91 -8.82
CA VAL A 79 -12.98 5.37 -10.20
C VAL A 79 -11.78 6.12 -10.77
N THR A 80 -10.67 6.26 -10.03
CA THR A 80 -9.46 6.87 -10.58
C THR A 80 -8.24 5.95 -10.58
N GLY A 81 -8.26 4.86 -9.81
CA GLY A 81 -7.06 4.07 -9.66
C GLY A 81 -5.99 4.71 -8.81
N LEU A 82 -6.30 5.81 -8.10
CA LEU A 82 -5.27 6.60 -7.42
C LEU A 82 -5.41 6.52 -5.91
N TYR A 83 -4.25 6.59 -5.24
CA TYR A 83 -4.25 6.85 -3.81
C TYR A 83 -4.88 8.20 -3.51
N PRO A 84 -5.60 8.30 -2.39
CA PRO A 84 -6.13 9.61 -1.97
C PRO A 84 -5.09 10.72 -1.97
N GLU A 85 -3.85 10.46 -1.51
CA GLU A 85 -2.85 11.52 -1.50
C GLU A 85 -2.58 12.08 -2.91
N SER A 86 -2.90 11.32 -3.96
CA SER A 86 -2.75 11.79 -5.34
C SER A 86 -4.03 12.34 -5.95
N HIS A 87 -5.19 11.74 -5.68
CA HIS A 87 -6.40 12.27 -6.32
C HIS A 87 -7.03 13.42 -5.55
N GLY A 88 -6.49 13.78 -4.38
CA GLY A 88 -6.83 15.02 -3.69
C GLY A 88 -7.96 14.93 -2.67
N ILE A 89 -8.76 13.87 -2.70
CA ILE A 89 -9.88 13.73 -1.76
C ILE A 89 -9.41 12.85 -0.62
N ILE A 90 -8.73 13.43 0.37
CA ILE A 90 -8.07 12.59 1.36
C ILE A 90 -8.98 12.22 2.52
N ASP A 91 -10.17 12.82 2.61
CA ASP A 91 -11.15 12.52 3.66
C ASP A 91 -12.44 13.20 3.25
N ASN A 92 -13.53 12.87 3.97
CA ASN A 92 -14.81 13.56 3.76
C ASN A 92 -14.76 15.02 4.17
N LYS A 93 -13.83 15.38 5.06
CA LYS A 93 -13.61 16.76 5.47
C LYS A 93 -12.13 17.06 5.36
N MET A 94 -11.79 18.24 4.81
CA MET A 94 -10.42 18.61 4.54
C MET A 94 -10.27 20.11 4.69
N TYR A 95 -9.05 20.53 5.02
CA TYR A 95 -8.66 21.92 4.88
C TYR A 95 -7.46 21.97 3.94
N ASP A 96 -7.49 22.89 2.97
CA ASP A 96 -6.39 23.10 2.05
C ASP A 96 -5.73 24.44 2.37
N PRO A 97 -4.46 24.45 2.79
CA PRO A 97 -3.84 25.72 3.20
C PRO A 97 -3.54 26.68 2.06
N LYS A 98 -3.41 26.18 0.84
CA LYS A 98 -3.14 27.06 -0.30
C LYS A 98 -4.42 27.70 -0.81
N MET A 99 -5.52 26.94 -0.82
CA MET A 99 -6.81 27.53 -1.12
C MET A 99 -7.40 28.26 0.07
N ASN A 100 -6.89 28.00 1.27
CA ASN A 100 -7.51 28.48 2.52
C ASN A 100 -9.00 28.17 2.50
N ALA A 101 -9.34 26.91 2.23
CA ALA A 101 -10.73 26.51 2.10
C ALA A 101 -10.96 25.19 2.81
N SER A 102 -12.17 24.99 3.29
CA SER A 102 -12.56 23.74 3.91
C SER A 102 -13.52 22.97 2.99
N PHE A 103 -13.31 21.67 2.91
CA PHE A 103 -14.15 20.74 2.17
C PHE A 103 -15.04 20.01 3.15
N SER A 104 -16.30 19.81 2.77
CA SER A 104 -17.22 19.01 3.55
C SER A 104 -18.29 18.52 2.60
N LEU A 105 -19.02 17.47 3.00
CA LEU A 105 -20.00 16.86 2.10
C LEU A 105 -21.31 17.63 2.06
N LYS A 106 -21.60 18.42 3.08
CA LYS A 106 -22.83 19.19 3.14
C LYS A 106 -22.60 20.67 2.88
N SER A 107 -21.53 21.01 2.17
CA SER A 107 -21.23 22.41 1.88
C SER A 107 -21.01 22.61 0.38
N LYS A 108 -21.08 23.89 -0.02
CA LYS A 108 -20.88 24.30 -1.40
C LYS A 108 -19.53 23.83 -1.94
N GLU A 109 -18.52 23.73 -1.08
CA GLU A 109 -17.19 23.37 -1.53
C GLU A 109 -17.15 21.97 -2.13
N LYS A 110 -18.14 21.12 -1.87
CA LYS A 110 -18.15 19.79 -2.47
C LYS A 110 -18.15 19.86 -3.99
N PHE A 111 -18.72 20.93 -4.57
CA PHE A 111 -18.83 21.10 -6.01
C PHE A 111 -17.71 21.94 -6.60
N ASN A 112 -16.69 22.28 -5.81
CA ASN A 112 -15.56 23.06 -6.32
C ASN A 112 -14.59 22.14 -7.04
N PRO A 113 -14.37 22.32 -8.35
CA PRO A 113 -13.52 21.37 -9.09
C PRO A 113 -12.08 21.30 -8.60
N LEU A 114 -11.60 22.30 -7.84
CA LEU A 114 -10.20 22.32 -7.40
C LEU A 114 -9.87 21.21 -6.41
N TRP A 115 -10.86 20.59 -5.79
CA TRP A 115 -10.56 19.49 -4.88
C TRP A 115 -10.22 18.20 -5.62
N TYR A 116 -10.77 17.97 -6.81
CA TYR A 116 -10.78 16.66 -7.44
C TYR A 116 -9.67 16.59 -8.49
N LYS A 117 -8.64 15.77 -8.21
CA LYS A 117 -7.52 15.60 -9.12
C LYS A 117 -7.64 14.26 -9.84
N GLY A 118 -6.64 13.95 -10.66
CA GLY A 118 -6.65 12.70 -11.40
C GLY A 118 -7.73 12.70 -12.47
N GLN A 119 -8.04 11.51 -12.95
CA GLN A 119 -9.00 11.36 -14.05
C GLN A 119 -9.97 10.23 -13.74
N PRO A 120 -11.18 10.55 -13.28
CA PRO A 120 -12.17 9.48 -13.04
C PRO A 120 -12.61 8.82 -14.33
N ILE A 121 -13.11 7.59 -14.18
CA ILE A 121 -13.35 6.73 -15.33
C ILE A 121 -14.36 7.34 -16.31
N TRP A 122 -15.28 8.18 -15.85
CA TRP A 122 -16.24 8.76 -16.80
C TRP A 122 -15.59 9.86 -17.64
N VAL A 123 -14.56 10.52 -17.10
CA VAL A 123 -13.76 11.46 -17.88
C VAL A 123 -12.87 10.71 -18.87
N THR A 124 -12.18 9.66 -18.42
CA THR A 124 -11.43 8.79 -19.33
C THR A 124 -12.34 8.33 -20.48
N ALA A 125 -13.56 7.92 -20.16
CA ALA A 125 -14.46 7.42 -21.19
C ALA A 125 -14.85 8.55 -22.14
N ASN A 126 -15.13 9.75 -21.61
CA ASN A 126 -15.50 10.88 -22.44
C ASN A 126 -14.43 11.18 -23.48
N HIS A 127 -13.16 11.22 -23.05
CA HIS A 127 -12.06 11.47 -23.97
C HIS A 127 -11.93 10.39 -25.03
N GLN A 128 -12.50 9.21 -24.80
CA GLN A 128 -12.39 8.12 -25.76
C GLN A 128 -13.76 7.76 -26.34
N GLU A 129 -14.65 8.74 -26.43
CA GLU A 129 -15.94 8.62 -27.13
C GLU A 129 -16.86 7.58 -26.49
N VAL A 130 -16.80 7.44 -25.17
CA VAL A 130 -17.68 6.52 -24.44
C VAL A 130 -18.53 7.33 -23.48
N LYS A 131 -19.84 7.10 -23.50
CA LYS A 131 -20.76 7.89 -22.69
C LYS A 131 -20.95 7.25 -21.32
N SER A 132 -21.35 8.08 -20.36
CA SER A 132 -21.50 7.67 -18.98
C SER A 132 -22.82 8.16 -18.39
N GLY A 133 -23.37 7.35 -17.49
CA GLY A 133 -24.58 7.73 -16.78
C GLY A 133 -24.42 7.42 -15.30
N THR A 134 -24.28 8.44 -14.46
CA THR A 134 -24.01 8.22 -13.05
C THR A 134 -25.23 8.62 -12.23
N TYR A 135 -25.73 7.70 -11.43
CA TYR A 135 -26.78 8.03 -10.47
C TYR A 135 -26.11 8.01 -9.10
N PHE A 136 -25.43 9.12 -8.80
CA PHE A 136 -24.65 9.35 -7.60
C PHE A 136 -23.32 8.62 -7.69
N TRP A 137 -22.26 9.33 -7.38
CA TRP A 137 -20.90 8.88 -7.15
C TRP A 137 -20.11 10.12 -6.77
N PRO A 138 -19.31 10.07 -5.71
CA PRO A 138 -18.45 11.21 -5.39
C PRO A 138 -17.65 11.66 -6.60
N GLY A 139 -17.71 12.96 -6.89
CA GLY A 139 -17.10 13.55 -8.06
C GLY A 139 -17.99 13.62 -9.29
N SER A 140 -19.05 12.81 -9.38
CA SER A 140 -19.78 12.74 -10.64
C SER A 140 -20.72 13.92 -10.87
N ASP A 141 -21.01 14.72 -9.84
CA ASP A 141 -21.79 15.93 -10.00
C ASP A 141 -20.92 17.18 -9.96
N VAL A 142 -19.63 17.02 -10.25
CA VAL A 142 -18.64 18.10 -10.28
C VAL A 142 -17.99 18.10 -11.65
N GLU A 143 -17.82 19.26 -12.24
CA GLU A 143 -17.15 19.34 -13.53
C GLU A 143 -15.66 19.10 -13.34
N ILE A 144 -15.17 17.94 -13.80
CA ILE A 144 -13.77 17.55 -13.65
C ILE A 144 -13.14 17.52 -15.03
N ASP A 145 -12.07 18.29 -15.19
CA ASP A 145 -11.43 18.50 -16.50
C ASP A 145 -12.45 19.04 -17.49
N GLY A 146 -13.28 19.98 -17.02
CA GLY A 146 -14.32 20.55 -17.83
C GLY A 146 -15.38 19.57 -18.30
N ILE A 147 -15.45 18.39 -17.70
CA ILE A 147 -16.30 17.31 -18.16
C ILE A 147 -17.25 16.90 -17.04
N LEU A 148 -18.49 16.61 -17.41
CA LEU A 148 -19.46 15.96 -16.54
C LEU A 148 -19.94 14.68 -17.21
N PRO A 149 -20.43 13.70 -16.44
CA PRO A 149 -21.02 12.52 -17.07
C PRO A 149 -22.13 12.93 -18.02
N ASP A 150 -22.38 12.09 -19.03
CA ASP A 150 -23.40 12.41 -20.03
C ASP A 150 -24.79 12.49 -19.39
N ILE A 151 -25.05 11.62 -18.43
CA ILE A 151 -26.22 11.71 -17.58
C ILE A 151 -25.72 11.66 -16.15
N TYR A 152 -26.07 12.67 -15.35
CA TYR A 152 -25.58 12.68 -13.97
C TYR A 152 -26.66 13.25 -13.06
N LYS A 153 -26.48 13.00 -11.77
CA LYS A 153 -27.41 13.45 -10.74
C LYS A 153 -26.66 14.13 -9.62
N VAL A 154 -27.08 15.36 -9.29
CA VAL A 154 -26.60 16.01 -8.08
C VAL A 154 -26.98 15.15 -6.89
N TYR A 155 -26.02 14.91 -5.98
CA TYR A 155 -26.29 13.98 -4.89
C TYR A 155 -27.41 14.48 -4.01
N ASN A 156 -28.30 13.56 -3.66
CA ASN A 156 -29.43 13.86 -2.78
C ASN A 156 -29.82 12.52 -2.16
N GLY A 157 -29.40 12.30 -0.92
CA GLY A 157 -29.62 11.02 -0.26
C GLY A 157 -31.06 10.74 0.08
N SER A 158 -31.96 11.71 -0.07
CA SER A 158 -33.38 11.48 0.15
C SER A 158 -34.07 10.74 -0.98
N VAL A 159 -33.43 10.62 -2.14
CA VAL A 159 -34.05 9.97 -3.29
C VAL A 159 -34.28 8.51 -2.94
N PRO A 160 -35.51 8.01 -3.04
CA PRO A 160 -35.77 6.60 -2.70
C PRO A 160 -34.89 5.66 -3.53
N PHE A 161 -34.44 4.58 -2.89
CA PHE A 161 -33.50 3.66 -3.55
C PHE A 161 -34.09 3.11 -4.85
N GLU A 162 -35.38 2.77 -4.84
CA GLU A 162 -36.03 2.20 -6.01
C GLU A 162 -35.98 3.15 -7.20
N GLU A 163 -36.16 4.45 -6.96
CA GLU A 163 -36.14 5.43 -8.03
C GLU A 163 -34.78 5.46 -8.72
N ARG A 164 -33.71 5.29 -7.95
CA ARG A 164 -32.36 5.27 -8.51
C ARG A 164 -32.20 4.11 -9.48
N ILE A 165 -32.62 2.92 -9.08
CA ILE A 165 -32.49 1.74 -9.93
C ILE A 165 -33.38 1.87 -11.16
N LEU A 166 -34.59 2.41 -10.96
CA LEU A 166 -35.50 2.56 -12.09
C LEU A 166 -34.94 3.52 -13.14
N ALA A 167 -34.29 4.60 -12.70
CA ALA A 167 -33.75 5.56 -13.66
C ALA A 167 -32.66 4.95 -14.53
N VAL A 168 -31.75 4.18 -13.94
CA VAL A 168 -30.71 3.52 -14.72
C VAL A 168 -31.32 2.57 -15.72
N LEU A 169 -32.41 1.89 -15.33
CA LEU A 169 -33.11 0.99 -16.26
C LEU A 169 -33.72 1.74 -17.42
N GLU A 170 -34.18 2.98 -17.21
CA GLU A 170 -34.64 3.79 -18.33
C GLU A 170 -33.46 4.27 -19.17
N TRP A 171 -32.33 4.60 -18.53
CA TRP A 171 -31.16 5.05 -19.30
C TRP A 171 -30.72 3.97 -20.27
N LEU A 172 -30.79 2.70 -19.85
CA LEU A 172 -30.36 1.58 -20.68
C LEU A 172 -31.24 1.41 -21.92
N GLN A 173 -32.41 2.03 -21.96
CA GLN A 173 -33.31 1.92 -23.09
C GLN A 173 -33.10 3.00 -24.14
N LEU A 174 -32.22 3.96 -23.89
CA LEU A 174 -31.96 5.02 -24.84
C LEU A 174 -31.39 4.46 -26.15
N PRO A 175 -31.56 5.17 -27.25
CA PRO A 175 -30.93 4.77 -28.51
C PRO A 175 -29.41 4.87 -28.41
N SER A 176 -28.74 4.11 -29.28
CA SER A 176 -27.29 3.93 -29.18
C SER A 176 -26.55 5.25 -29.10
N HIS A 177 -26.99 6.25 -29.87
CA HIS A 177 -26.26 7.51 -29.92
C HIS A 177 -26.45 8.36 -28.66
N GLU A 178 -27.27 7.92 -27.71
CA GLU A 178 -27.45 8.62 -26.45
C GLU A 178 -27.21 7.72 -25.24
N ARG A 179 -27.13 6.42 -25.43
CA ARG A 179 -27.08 5.47 -24.33
C ARG A 179 -25.68 5.44 -23.72
N PRO A 180 -25.55 5.57 -22.41
CA PRO A 180 -24.24 5.39 -21.78
C PRO A 180 -23.77 3.93 -21.90
N HIS A 181 -22.45 3.78 -21.85
CA HIS A 181 -21.80 2.48 -21.79
C HIS A 181 -21.27 2.18 -20.39
N PHE A 182 -21.09 3.20 -19.57
CA PHE A 182 -20.70 3.05 -18.18
C PHE A 182 -21.74 3.70 -17.29
N TYR A 183 -22.05 3.03 -16.17
CA TYR A 183 -23.09 3.44 -15.26
C TYR A 183 -22.61 3.31 -13.82
N THR A 184 -23.09 4.19 -12.94
CA THR A 184 -22.93 3.97 -11.51
C THR A 184 -24.28 3.97 -10.80
N LEU A 185 -24.34 3.20 -9.73
CA LEU A 185 -25.42 3.24 -8.76
C LEU A 185 -24.80 3.32 -7.37
N TYR A 186 -25.50 3.97 -6.45
CA TYR A 186 -24.99 4.12 -5.09
C TYR A 186 -26.15 4.11 -4.11
N LEU A 187 -25.97 3.38 -3.00
CA LEU A 187 -26.93 3.34 -1.89
C LEU A 187 -26.23 3.64 -0.58
N GLU A 188 -26.92 4.33 0.32
CA GLU A 188 -26.31 4.69 1.61
C GLU A 188 -26.31 3.57 2.63
N GLU A 189 -26.97 2.48 2.37
CA GLU A 189 -26.98 1.32 3.24
C GLU A 189 -26.05 0.24 2.72
N PRO A 190 -25.46 -0.59 3.61
CA PRO A 190 -25.73 -0.65 5.04
C PRO A 190 -24.90 0.29 5.94
N ASP A 191 -24.28 1.32 5.36
CA ASP A 191 -23.50 2.27 6.16
C ASP A 191 -24.37 2.96 7.21
N SER A 192 -25.56 3.43 6.82
CA SER A 192 -26.38 4.19 7.76
C SER A 192 -26.74 3.38 8.99
N SER A 193 -27.27 2.17 8.78
CA SER A 193 -27.63 1.33 9.91
C SER A 193 -26.41 0.89 10.70
N GLY A 194 -25.27 0.68 10.03
CA GLY A 194 -24.07 0.31 10.76
C GLY A 194 -23.63 1.38 11.74
N HIS A 195 -23.76 2.65 11.34
CA HIS A 195 -23.46 3.74 12.27
C HIS A 195 -24.47 3.78 13.40
N SER A 196 -25.77 3.80 13.06
CA SER A 196 -26.76 4.14 14.06
C SER A 196 -26.94 3.03 15.08
N HIS A 197 -26.80 1.77 14.67
CA HIS A 197 -27.09 0.65 15.55
C HIS A 197 -25.92 -0.32 15.76
N GLY A 198 -24.79 -0.12 15.07
CA GLY A 198 -23.64 -0.99 15.20
C GLY A 198 -23.61 -2.04 14.10
N PRO A 199 -22.42 -2.51 13.72
CA PRO A 199 -22.35 -3.49 12.61
C PRO A 199 -22.99 -4.83 12.95
N VAL A 200 -23.00 -5.22 14.23
CA VAL A 200 -23.63 -6.47 14.65
C VAL A 200 -24.95 -6.07 15.31
N SER A 201 -26.03 -6.10 14.54
CA SER A 201 -27.32 -5.68 15.04
C SER A 201 -28.41 -6.18 14.11
N SER A 202 -29.61 -6.37 14.66
CA SER A 202 -30.73 -6.77 13.82
C SER A 202 -31.04 -5.70 12.79
N GLU A 203 -30.72 -4.44 13.09
CA GLU A 203 -30.98 -3.36 12.14
C GLU A 203 -30.08 -3.46 10.91
N VAL A 204 -28.80 -3.76 11.10
CA VAL A 204 -27.93 -3.94 9.94
C VAL A 204 -28.41 -5.11 9.09
N ILE A 205 -28.85 -6.19 9.74
CA ILE A 205 -29.34 -7.35 9.01
C ILE A 205 -30.55 -6.99 8.16
N LYS A 206 -31.48 -6.21 8.72
CA LYS A 206 -32.61 -5.73 7.94
C LYS A 206 -32.14 -4.85 6.77
N ALA A 207 -31.12 -4.04 7.00
CA ALA A 207 -30.56 -3.22 5.92
C ALA A 207 -29.94 -4.08 4.84
N LEU A 208 -29.21 -5.14 5.23
CA LEU A 208 -28.62 -6.05 4.25
C LEU A 208 -29.70 -6.71 3.41
N GLN A 209 -30.75 -7.23 4.05
CA GLN A 209 -31.84 -7.85 3.31
C GLN A 209 -32.49 -6.85 2.36
N LYS A 210 -32.62 -5.59 2.78
CA LYS A 210 -33.20 -4.55 1.93
C LYS A 210 -32.35 -4.32 0.68
N VAL A 211 -31.03 -4.18 0.84
CA VAL A 211 -30.22 -3.93 -0.35
C VAL A 211 -30.09 -5.19 -1.20
N ASP A 212 -30.17 -6.37 -0.60
CA ASP A 212 -30.17 -7.60 -1.40
C ASP A 212 -31.40 -7.66 -2.29
N ARG A 213 -32.56 -7.31 -1.73
CA ARG A 213 -33.80 -7.25 -2.51
C ARG A 213 -33.67 -6.24 -3.65
N LEU A 214 -33.00 -5.12 -3.40
CA LEU A 214 -32.86 -4.08 -4.40
C LEU A 214 -31.93 -4.51 -5.54
N VAL A 215 -30.83 -5.16 -5.20
CA VAL A 215 -29.97 -5.70 -6.27
C VAL A 215 -30.77 -6.65 -7.16
N GLY A 216 -31.66 -7.44 -6.55
CA GLY A 216 -32.52 -8.31 -7.33
C GLY A 216 -33.48 -7.55 -8.23
N MET A 217 -33.96 -6.39 -7.76
CA MET A 217 -34.77 -5.52 -8.61
C MET A 217 -33.99 -5.06 -9.84
N LEU A 218 -32.71 -4.71 -9.65
CA LEU A 218 -31.85 -4.39 -10.79
C LEU A 218 -31.74 -5.57 -11.73
N MET A 219 -31.39 -6.75 -11.19
CA MET A 219 -31.16 -7.93 -12.02
C MET A 219 -32.43 -8.32 -12.77
N ASP A 220 -33.58 -8.29 -12.08
CA ASP A 220 -34.84 -8.59 -12.76
C ASP A 220 -35.12 -7.60 -13.88
N GLY A 221 -34.82 -6.32 -13.65
CA GLY A 221 -34.97 -5.33 -14.71
C GLY A 221 -34.06 -5.64 -15.89
N LEU A 222 -32.81 -5.98 -15.62
CA LEU A 222 -31.90 -6.37 -16.70
C LEU A 222 -32.44 -7.58 -17.46
N LYS A 223 -33.00 -8.55 -16.74
CA LYS A 223 -33.55 -9.73 -17.39
C LYS A 223 -34.72 -9.34 -18.29
N ASP A 224 -35.62 -8.50 -17.77
CA ASP A 224 -36.74 -8.01 -18.57
C ASP A 224 -36.26 -7.33 -19.85
N LEU A 225 -35.18 -6.56 -19.76
CA LEU A 225 -34.62 -5.85 -20.91
C LEU A 225 -33.80 -6.75 -21.82
N GLY A 226 -33.67 -8.03 -21.48
CA GLY A 226 -32.79 -8.91 -22.22
C GLY A 226 -31.32 -8.58 -22.06
N LEU A 227 -30.93 -8.07 -20.90
CA LEU A 227 -29.56 -7.61 -20.65
C LEU A 227 -28.85 -8.36 -19.53
N ASP A 228 -29.49 -9.36 -18.91
CA ASP A 228 -28.87 -10.04 -17.77
C ASP A 228 -27.75 -11.00 -18.17
N LYS A 229 -27.50 -11.18 -19.47
CA LYS A 229 -26.27 -11.81 -19.91
C LYS A 229 -25.50 -10.91 -20.88
N CYS A 230 -25.75 -9.60 -20.81
CA CYS A 230 -25.05 -8.57 -21.58
C CYS A 230 -24.70 -7.38 -20.71
N LEU A 231 -24.27 -7.64 -19.48
CA LEU A 231 -23.92 -6.54 -18.61
C LEU A 231 -22.89 -7.02 -17.60
N ASN A 232 -21.75 -6.31 -17.56
CA ASN A 232 -20.71 -6.58 -16.57
C ASN A 232 -21.03 -5.78 -15.32
N LEU A 233 -21.40 -6.50 -14.25
CA LEU A 233 -21.75 -5.90 -12.97
C LEU A 233 -20.56 -5.98 -12.02
N ILE A 234 -20.17 -4.84 -11.44
CA ILE A 234 -19.26 -4.79 -10.30
C ILE A 234 -20.05 -4.30 -9.10
N LEU A 235 -20.34 -5.21 -8.18
CA LEU A 235 -20.95 -4.87 -6.89
C LEU A 235 -19.84 -4.67 -5.88
N ILE A 236 -19.81 -3.50 -5.22
CA ILE A 236 -18.62 -3.05 -4.51
C ILE A 236 -19.03 -2.27 -3.27
N SER A 237 -18.09 -2.08 -2.35
CA SER A 237 -18.27 -1.14 -1.25
C SER A 237 -16.97 -0.38 -1.03
N ASP A 238 -17.11 0.71 -0.28
CA ASP A 238 -16.00 1.64 -0.05
C ASP A 238 -15.16 1.28 1.17
N HIS A 239 -15.72 0.55 2.13
CA HIS A 239 -15.03 0.21 3.37
C HIS A 239 -15.95 -0.64 4.22
N GLY A 240 -15.44 -1.09 5.35
CA GLY A 240 -16.20 -1.88 6.29
C GLY A 240 -16.75 -1.04 7.43
N MET A 241 -16.92 -1.67 8.58
CA MET A 241 -17.58 -1.03 9.70
C MET A 241 -17.08 -1.66 10.99
N GLU A 242 -16.92 -0.82 12.02
CA GLU A 242 -16.45 -1.25 13.33
C GLU A 242 -17.40 -0.72 14.39
N GLN A 243 -17.42 -1.40 15.54
CA GLN A 243 -18.21 -0.95 16.69
C GLN A 243 -17.37 -0.05 17.58
N GLY A 244 -17.79 1.22 17.71
CA GLY A 244 -17.09 2.16 18.56
C GLY A 244 -17.59 2.10 19.99
N SER A 245 -16.77 2.61 20.91
CA SER A 245 -17.11 2.62 22.33
C SER A 245 -16.71 3.95 22.94
N CYS A 246 -17.55 4.48 23.84
CA CYS A 246 -17.14 5.64 24.61
C CYS A 246 -15.97 5.32 25.54
N LYS A 247 -15.76 4.05 25.86
CA LYS A 247 -14.62 3.60 26.64
C LYS A 247 -13.38 3.34 25.79
N LYS A 248 -13.50 3.47 24.46
CA LYS A 248 -12.35 3.34 23.59
C LYS A 248 -12.20 4.62 22.76
N TYR A 249 -12.02 5.73 23.46
CA TYR A 249 -11.93 7.04 22.83
C TYR A 249 -10.86 7.85 23.56
N VAL A 250 -9.85 8.28 22.81
CA VAL A 250 -8.75 9.07 23.34
C VAL A 250 -9.12 10.55 23.22
N TYR A 251 -8.88 11.31 24.29
CA TYR A 251 -9.02 12.77 24.27
C TYR A 251 -7.67 13.41 24.56
N LEU A 252 -7.18 14.23 23.62
CA LEU A 252 -5.87 14.85 23.80
C LEU A 252 -5.82 15.82 24.97
N ASN A 253 -6.97 16.39 25.39
CA ASN A 253 -6.91 17.33 26.50
C ASN A 253 -6.45 16.65 27.79
N LYS A 254 -6.49 15.31 27.84
CA LYS A 254 -5.94 14.61 29.00
C LYS A 254 -4.46 14.89 29.18
N TYR A 255 -3.72 15.07 28.09
CA TYR A 255 -2.28 15.33 28.15
C TYR A 255 -1.92 16.79 27.93
N LEU A 256 -2.69 17.52 27.12
CA LEU A 256 -2.40 18.90 26.74
C LEU A 256 -3.12 19.93 27.58
N GLY A 257 -4.12 19.55 28.34
CA GLY A 257 -4.98 20.54 28.97
C GLY A 257 -6.01 21.05 27.98
N ASP A 258 -6.82 21.99 28.45
CA ASP A 258 -7.98 22.45 27.67
C ASP A 258 -7.53 23.59 26.74
N VAL A 259 -6.86 23.20 25.67
CA VAL A 259 -6.36 24.15 24.69
C VAL A 259 -7.38 24.32 23.58
N ASN A 260 -7.26 25.44 22.86
CA ASN A 260 -8.15 25.69 21.74
C ASN A 260 -7.39 26.27 20.55
N ASN A 261 -6.07 26.21 20.56
CA ASN A 261 -5.23 26.69 19.46
C ASN A 261 -4.97 25.61 18.42
N VAL A 262 -5.57 24.42 18.56
CA VAL A 262 -5.43 23.35 17.58
C VAL A 262 -6.81 22.81 17.22
N LYS A 263 -6.89 22.26 16.02
CA LYS A 263 -8.10 21.66 15.48
C LYS A 263 -7.78 20.22 15.13
N VAL A 264 -8.59 19.29 15.63
CA VAL A 264 -8.36 17.87 15.42
C VAL A 264 -9.53 17.30 14.63
N VAL A 265 -9.22 16.63 13.53
CA VAL A 265 -10.21 15.88 12.77
C VAL A 265 -10.43 14.57 13.51
N TYR A 266 -11.58 14.43 14.17
CA TYR A 266 -11.74 13.32 15.10
C TYR A 266 -12.03 12.02 14.38
N GLY A 267 -11.81 10.91 15.09
CA GLY A 267 -12.06 9.59 14.56
C GLY A 267 -10.86 8.68 14.66
N PRO A 268 -10.88 7.56 13.92
CA PRO A 268 -9.77 6.60 14.02
C PRO A 268 -8.53 6.99 13.21
N ALA A 269 -8.62 7.97 12.32
CA ALA A 269 -7.47 8.41 11.53
C ALA A 269 -7.23 9.89 11.76
N ALA A 270 -7.21 10.31 13.02
CA ALA A 270 -7.28 11.72 13.37
C ALA A 270 -6.08 12.48 12.83
N ARG A 271 -6.31 13.77 12.57
CA ARG A 271 -5.30 14.69 12.04
C ARG A 271 -5.37 15.98 12.85
N LEU A 272 -4.23 16.69 12.95
CA LEU A 272 -4.17 17.89 13.77
C LEU A 272 -3.52 19.04 13.01
N ARG A 273 -4.10 20.21 13.13
CA ARG A 273 -3.55 21.44 12.59
CA ARG A 273 -3.56 21.45 12.59
C ARG A 273 -3.82 22.57 13.58
N PRO A 274 -3.04 23.65 13.52
CA PRO A 274 -3.37 24.82 14.31
C PRO A 274 -4.67 25.44 13.85
N THR A 275 -5.29 26.19 14.76
CA THR A 275 -6.52 26.92 14.40
C THR A 275 -6.22 28.16 13.58
N ASP A 276 -5.06 28.76 13.77
CA ASP A 276 -4.68 30.02 13.10
C ASP A 276 -4.05 29.68 11.76
N VAL A 277 -4.91 29.43 10.77
CA VAL A 277 -4.49 29.05 9.43
C VAL A 277 -4.98 30.10 8.46
N PRO A 278 -4.29 30.34 7.32
CA PRO A 278 -3.08 29.64 6.85
C PRO A 278 -1.78 30.18 7.42
N GLU A 279 -1.88 31.20 8.29
CA GLU A 279 -0.70 31.93 8.73
C GLU A 279 0.33 31.02 9.37
N THR A 280 -0.11 30.11 10.25
CA THR A 280 0.79 29.26 11.01
C THR A 280 0.72 27.80 10.60
N TYR A 281 0.15 27.50 9.43
CA TYR A 281 0.01 26.10 9.02
C TYR A 281 1.35 25.40 8.92
N TYR A 282 2.39 26.10 8.48
CA TYR A 282 3.70 25.50 8.33
C TYR A 282 4.66 25.81 9.46
N SER A 283 4.48 26.94 10.16
CA SER A 283 5.38 27.32 11.23
C SER A 283 5.03 26.68 12.57
N PHE A 284 3.85 26.09 12.69
CA PHE A 284 3.41 25.48 13.95
C PHE A 284 4.36 24.35 14.36
N ASN A 285 4.60 24.21 15.66
CA ASN A 285 5.59 23.23 16.13
C ASN A 285 4.91 21.87 16.32
N TYR A 286 4.72 21.18 15.19
CA TYR A 286 4.08 19.87 15.19
C TYR A 286 4.92 18.83 15.92
N GLU A 287 6.24 18.89 15.76
CA GLU A 287 7.08 17.87 16.37
C GLU A 287 7.02 17.93 17.89
N ALA A 288 7.04 19.14 18.45
CA ALA A 288 6.91 19.27 19.90
C ALA A 288 5.59 18.69 20.38
N LEU A 289 4.51 18.91 19.63
CA LEU A 289 3.23 18.33 20.02
C LEU A 289 3.27 16.82 19.92
N ALA A 290 3.81 16.29 18.82
CA ALA A 290 3.87 14.84 18.65
C ALA A 290 4.65 14.20 19.80
N LYS A 291 5.76 14.80 20.21
CA LYS A 291 6.57 14.21 21.27
C LYS A 291 5.90 14.31 22.63
N ASN A 292 5.09 15.34 22.85
CA ASN A 292 4.31 15.42 24.09
C ASN A 292 3.21 14.38 24.15
N LEU A 293 2.83 13.79 23.02
CA LEU A 293 1.74 12.82 22.98
C LEU A 293 2.24 11.40 22.78
N SER A 294 3.56 11.19 22.82
CA SER A 294 4.17 9.89 22.55
C SER A 294 4.45 9.14 23.85
N CYS A 295 4.07 7.86 23.90
CA CYS A 295 4.40 6.96 25.00
C CYS A 295 3.95 7.50 26.35
N ARG A 296 2.71 8.00 26.41
CA ARG A 296 2.22 8.56 27.66
C ARG A 296 1.55 7.52 28.55
N GLU A 297 1.02 6.45 27.98
CA GLU A 297 0.28 5.40 28.67
C GLU A 297 0.92 4.05 28.39
N PRO A 298 0.83 3.11 29.33
CA PRO A 298 1.18 1.72 29.01
C PRO A 298 0.18 1.17 28.01
N ASN A 299 0.68 0.48 26.99
CA ASN A 299 -0.18 -0.05 25.94
C ASN A 299 -1.09 1.07 25.41
N GLN A 300 -0.46 2.19 25.07
CA GLN A 300 -1.16 3.33 24.51
C GLN A 300 -1.86 2.93 23.21
N HIS A 301 -3.14 3.27 23.10
CA HIS A 301 -3.97 2.84 21.98
C HIS A 301 -3.95 3.81 20.82
N PHE A 302 -3.22 4.92 20.93
CA PHE A 302 -3.00 5.84 19.83
C PHE A 302 -1.52 6.14 19.73
N ARG A 303 -1.08 6.50 18.52
CA ARG A 303 0.30 6.87 18.33
C ARG A 303 0.38 8.08 17.41
N PRO A 304 1.03 9.16 17.82
CA PRO A 304 1.20 10.30 16.91
C PRO A 304 2.27 10.00 15.86
N TYR A 305 2.01 10.46 14.64
CA TYR A 305 2.96 10.34 13.53
C TYR A 305 3.04 11.65 12.78
N LEU A 306 4.23 12.23 12.66
CA LEU A 306 4.43 13.21 11.59
C LEU A 306 4.27 12.47 10.27
N LYS A 307 3.57 13.08 9.31
CA LYS A 307 3.03 12.27 8.22
C LYS A 307 4.08 11.52 7.39
N PRO A 308 5.30 12.02 7.14
CA PRO A 308 6.27 11.20 6.39
C PRO A 308 6.67 9.91 7.11
N PHE A 309 6.38 9.78 8.41
CA PHE A 309 6.80 8.62 9.20
C PHE A 309 5.71 7.58 9.37
N LEU A 310 4.48 7.85 8.94
CA LEU A 310 3.48 6.80 8.84
C LEU A 310 3.98 5.64 7.99
N PRO A 311 3.53 4.43 8.26
CA PRO A 311 3.85 3.30 7.39
C PRO A 311 3.61 3.63 5.93
N LYS A 312 4.64 3.39 5.11
CA LYS A 312 4.57 3.69 3.68
C LYS A 312 3.43 2.96 2.99
N ARG A 313 3.06 1.77 3.46
CA ARG A 313 1.99 1.03 2.81
C ARG A 313 0.68 1.80 2.80
N LEU A 314 0.52 2.79 3.68
CA LEU A 314 -0.70 3.61 3.73
C LEU A 314 -0.72 4.65 2.63
N HIS A 315 0.45 5.00 2.10
CA HIS A 315 0.61 6.03 1.07
C HIS A 315 -0.20 7.28 1.41
N PHE A 316 0.03 7.84 2.61
CA PHE A 316 -0.84 8.91 3.11
C PHE A 316 0.01 10.08 3.61
N ALA A 317 0.67 10.78 2.67
CA ALA A 317 1.43 11.94 3.11
C ALA A 317 1.60 13.02 2.04
N LYS A 318 1.53 12.70 0.74
CA LYS A 318 2.03 13.67 -0.23
C LYS A 318 1.14 14.91 -0.35
N SER A 319 -0.16 14.79 -0.16
CA SER A 319 -1.07 15.91 -0.33
C SER A 319 -0.87 16.98 0.75
N ASP A 320 -0.92 18.26 0.33
CA ASP A 320 -0.91 19.36 1.28
C ASP A 320 -2.19 19.45 2.11
N ARG A 321 -3.21 18.67 1.78
CA ARG A 321 -4.42 18.57 2.59
C ARG A 321 -4.29 17.54 3.71
N ILE A 322 -3.18 16.82 3.77
CA ILE A 322 -2.89 15.91 4.87
C ILE A 322 -2.06 16.69 5.88
N GLU A 323 -2.61 16.86 7.08
CA GLU A 323 -1.96 17.66 8.09
C GLU A 323 -0.59 17.09 8.45
N PRO A 324 0.36 17.95 8.83
CA PRO A 324 1.69 17.43 9.21
C PRO A 324 1.67 16.44 10.37
N LEU A 325 0.67 16.50 11.26
CA LEU A 325 0.54 15.56 12.38
C LEU A 325 -0.70 14.71 12.19
N THR A 326 -0.54 13.40 12.20
CA THR A 326 -1.62 12.42 12.12
C THR A 326 -1.51 11.48 13.30
N PHE A 327 -2.58 10.68 13.52
CA PHE A 327 -2.59 9.70 14.59
C PHE A 327 -2.96 8.33 14.03
N TYR A 328 -2.31 7.29 14.55
CA TYR A 328 -2.61 5.92 14.20
C TYR A 328 -3.29 5.24 15.38
N LEU A 329 -4.45 4.62 15.14
CA LEU A 329 -5.32 4.13 16.20
C LEU A 329 -5.43 2.61 16.15
N ASP A 330 -5.44 1.98 17.32
CA ASP A 330 -5.67 0.53 17.40
C ASP A 330 -7.09 0.20 16.92
N PRO A 331 -7.36 -1.06 16.59
CA PRO A 331 -8.73 -1.43 16.20
C PRO A 331 -9.72 -1.09 17.30
N GLN A 332 -10.88 -0.55 16.89
CA GLN A 332 -12.02 -0.14 17.71
C GLN A 332 -11.81 1.21 18.39
N TRP A 333 -10.62 1.81 18.33
CA TRP A 333 -10.33 3.04 19.05
C TRP A 333 -10.42 4.28 18.15
N GLN A 334 -10.80 5.40 18.76
CA GLN A 334 -10.91 6.68 18.08
C GLN A 334 -10.24 7.76 18.92
N LEU A 335 -10.05 8.94 18.32
CA LEU A 335 -9.37 10.03 19.00
C LEU A 335 -10.03 11.36 18.65
N ALA A 336 -10.13 12.25 19.64
CA ALA A 336 -10.56 13.63 19.46
C ALA A 336 -9.74 14.53 20.38
N LEU A 337 -9.83 15.84 20.12
CA LEU A 337 -9.16 16.80 21.00
C LEU A 337 -9.78 16.78 22.40
N ASN A 338 -11.10 16.69 22.49
CA ASN A 338 -11.80 16.66 23.76
C ASN A 338 -13.20 16.12 23.51
N PRO A 339 -13.96 15.81 24.57
CA PRO A 339 -15.30 15.22 24.36
C PRO A 339 -16.29 16.12 23.62
N SER A 340 -16.04 17.43 23.56
CA SER A 340 -16.93 18.33 22.83
C SER A 340 -16.63 18.40 21.34
N GLU A 341 -15.54 17.81 20.88
CA GLU A 341 -15.09 17.91 19.49
C GLU A 341 -15.12 16.55 18.80
N ARG A 342 -16.29 15.91 18.87
CA ARG A 342 -16.56 14.62 18.25
C ARG A 342 -18.07 14.44 18.19
N LYS A 343 -18.51 13.51 17.33
CA LYS A 343 -19.90 13.05 17.34
C LYS A 343 -20.05 12.03 18.46
N TYR A 344 -21.15 11.29 18.48
CA TYR A 344 -21.37 10.30 19.53
C TYR A 344 -20.27 9.24 19.51
N CYS A 345 -19.83 8.84 20.71
CA CYS A 345 -18.66 7.98 20.85
C CYS A 345 -18.98 6.49 20.83
N GLY A 346 -20.25 6.10 20.82
CA GLY A 346 -20.60 4.70 20.88
C GLY A 346 -21.19 4.12 19.60
N SER A 347 -21.09 4.82 18.49
CA SER A 347 -21.74 4.37 17.27
C SER A 347 -20.82 3.45 16.48
N GLY A 348 -21.38 2.81 15.45
CA GLY A 348 -20.51 2.22 14.44
C GLY A 348 -19.64 3.29 13.80
N PHE A 349 -18.44 2.90 13.39
CA PHE A 349 -17.54 3.86 12.76
C PHE A 349 -16.61 3.12 11.80
N HIS A 350 -15.90 3.89 10.99
CA HIS A 350 -14.84 3.36 10.15
C HIS A 350 -13.83 4.48 9.94
N GLY A 351 -12.74 4.17 9.24
CA GLY A 351 -11.72 5.15 8.97
C GLY A 351 -10.36 4.61 9.31
N SER A 352 -10.34 3.48 10.03
CA SER A 352 -9.11 2.88 10.55
C SER A 352 -8.21 2.32 9.44
N ASP A 353 -7.02 1.88 9.86
CA ASP A 353 -6.06 1.13 9.04
C ASP A 353 -6.73 0.24 8.01
N ASN A 354 -6.34 0.37 6.73
CA ASN A 354 -7.03 -0.37 5.67
C ASN A 354 -6.64 -1.83 5.63
N LEU A 355 -5.79 -2.31 6.53
CA LEU A 355 -5.53 -3.74 6.67
C LEU A 355 -6.20 -4.34 7.90
N PHE A 356 -7.00 -3.56 8.63
CA PHE A 356 -7.84 -4.16 9.68
C PHE A 356 -8.95 -4.97 9.04
N SER A 357 -9.19 -6.16 9.58
CA SER A 357 -10.17 -7.09 9.01
C SER A 357 -11.57 -6.48 8.89
N ASN A 358 -12.04 -5.75 9.90
CA ASN A 358 -13.40 -5.23 9.79
C ASN A 358 -13.53 -4.03 8.86
N MET A 359 -12.42 -3.51 8.36
CA MET A 359 -12.45 -2.44 7.37
C MET A 359 -12.56 -2.96 5.94
N GLN A 360 -12.41 -4.27 5.73
CA GLN A 360 -12.37 -4.80 4.37
C GLN A 360 -13.73 -4.66 3.71
N ALA A 361 -13.69 -4.58 2.38
CA ALA A 361 -14.83 -4.18 1.57
C ALA A 361 -15.30 -5.31 0.67
N LEU A 362 -16.44 -5.09 0.01
CA LEU A 362 -17.08 -6.07 -0.86
C LEU A 362 -16.59 -5.89 -2.29
N PHE A 363 -16.38 -7.01 -2.99
CA PHE A 363 -16.21 -7.00 -4.44
C PHE A 363 -16.82 -8.27 -5.00
N ILE A 364 -17.79 -8.12 -5.91
CA ILE A 364 -18.27 -9.19 -6.77
C ILE A 364 -18.28 -8.66 -8.21
N GLY A 365 -17.70 -9.42 -9.13
CA GLY A 365 -17.81 -9.16 -10.55
C GLY A 365 -18.69 -10.21 -11.20
N TYR A 366 -19.71 -9.76 -11.93
CA TYR A 366 -20.62 -10.70 -12.59
C TYR A 366 -20.88 -10.26 -14.03
N GLY A 367 -20.77 -11.19 -14.96
CA GLY A 367 -21.18 -10.95 -16.33
C GLY A 367 -20.32 -11.67 -17.35
N PRO A 368 -20.54 -11.35 -18.63
CA PRO A 368 -19.78 -12.03 -19.70
C PRO A 368 -18.27 -12.03 -19.49
N ALA A 369 -17.71 -10.93 -19.00
CA ALA A 369 -16.26 -10.82 -18.91
C ALA A 369 -15.67 -11.53 -17.70
N PHE A 370 -16.48 -11.77 -16.67
CA PHE A 370 -15.99 -12.29 -15.40
C PHE A 370 -16.13 -13.80 -15.34
N LYS A 371 -15.18 -14.45 -14.67
CA LYS A 371 -15.26 -15.90 -14.48
C LYS A 371 -16.48 -16.26 -13.63
N HIS A 372 -16.92 -17.51 -13.76
CA HIS A 372 -18.07 -18.01 -13.00
C HIS A 372 -17.59 -18.93 -11.90
N GLY A 373 -17.94 -18.62 -10.66
CA GLY A 373 -17.57 -19.45 -9.53
C GLY A 373 -16.13 -19.33 -9.11
N ALA A 374 -15.50 -18.19 -9.34
CA ALA A 374 -14.09 -17.99 -9.02
C ALA A 374 -13.96 -17.18 -7.74
N GLU A 375 -13.16 -17.70 -6.81
CA GLU A 375 -12.80 -16.99 -5.60
C GLU A 375 -11.31 -16.69 -5.65
N VAL A 376 -10.95 -15.40 -5.57
CA VAL A 376 -9.57 -14.94 -5.73
C VAL A 376 -9.12 -14.28 -4.44
N ASP A 377 -7.79 -14.17 -4.30
CA ASP A 377 -7.21 -13.56 -3.11
C ASP A 377 -7.49 -12.06 -3.08
N SER A 378 -7.27 -11.45 -1.90
CA SER A 378 -7.57 -10.03 -1.74
C SER A 378 -6.77 -9.16 -2.72
N PHE A 379 -7.36 -8.03 -3.09
CA PHE A 379 -6.69 -7.01 -3.89
C PHE A 379 -7.21 -5.64 -3.49
N GLU A 380 -6.43 -4.61 -3.80
CA GLU A 380 -6.79 -3.25 -3.40
C GLU A 380 -7.76 -2.62 -4.39
N ASN A 381 -8.59 -1.70 -3.90
CA ASN A 381 -9.62 -1.14 -4.76
C ASN A 381 -9.04 -0.22 -5.84
N ILE A 382 -7.78 0.22 -5.69
CA ILE A 382 -7.14 0.98 -6.76
C ILE A 382 -6.87 0.15 -8.01
N GLU A 383 -6.96 -1.18 -7.94
CA GLU A 383 -6.78 -2.01 -9.13
C GLU A 383 -8.02 -2.03 -10.02
N VAL A 384 -9.16 -1.57 -9.52
CA VAL A 384 -10.42 -1.73 -10.23
C VAL A 384 -10.53 -0.78 -11.42
N TYR A 385 -9.92 0.39 -11.33
CA TYR A 385 -9.98 1.35 -12.44
C TYR A 385 -9.42 0.74 -13.73
N ASN A 386 -8.24 0.13 -13.66
CA ASN A 386 -7.69 -0.53 -14.85
C ASN A 386 -8.65 -1.60 -15.35
N LEU A 387 -9.26 -2.34 -14.43
CA LEU A 387 -10.18 -3.40 -14.80
C LEU A 387 -11.37 -2.85 -15.56
N MET A 388 -11.99 -1.79 -15.02
CA MET A 388 -13.11 -1.17 -15.72
C MET A 388 -12.69 -0.60 -17.07
N CYS A 389 -11.46 -0.08 -17.16
CA CYS A 389 -10.96 0.39 -18.46
C CYS A 389 -10.92 -0.75 -19.47
N ASP A 390 -10.45 -1.92 -19.03
CA ASP A 390 -10.45 -3.09 -19.92
C ASP A 390 -11.87 -3.51 -20.32
N LEU A 391 -12.82 -3.48 -19.38
CA LEU A 391 -14.21 -3.83 -19.69
C LEU A 391 -14.84 -2.85 -20.67
N LEU A 392 -14.41 -1.59 -20.66
CA LEU A 392 -15.03 -0.57 -21.49
C LEU A 392 -14.27 -0.30 -22.78
N GLY A 393 -13.12 -0.93 -22.98
CA GLY A 393 -12.32 -0.67 -24.16
C GLY A 393 -11.54 0.63 -24.09
N LEU A 394 -11.12 1.03 -22.91
CA LEU A 394 -10.48 2.32 -22.68
C LEU A 394 -9.00 2.14 -22.36
N ILE A 395 -8.19 3.09 -22.79
CA ILE A 395 -6.80 3.17 -22.35
C ILE A 395 -6.79 3.90 -21.01
N PRO A 396 -6.27 3.29 -19.95
CA PRO A 396 -6.28 3.95 -18.63
C PRO A 396 -5.38 5.17 -18.59
N ALA A 397 -5.79 6.16 -17.81
CA ALA A 397 -4.90 7.22 -17.41
C ALA A 397 -3.84 6.66 -16.46
N PRO A 398 -2.69 7.32 -16.34
CA PRO A 398 -1.68 6.88 -15.36
C PRO A 398 -2.26 6.80 -13.96
N ASN A 399 -2.04 5.66 -13.30
CA ASN A 399 -2.65 5.47 -11.99
C ASN A 399 -1.77 4.51 -11.17
N ASN A 400 -2.25 4.15 -9.97
CA ASN A 400 -1.47 3.35 -9.03
C ASN A 400 -1.80 1.87 -9.06
N GLY A 401 -2.85 1.48 -9.78
CA GLY A 401 -3.07 0.08 -10.04
C GLY A 401 -2.01 -0.49 -10.96
N SER A 402 -1.82 -1.80 -10.88
CA SER A 402 -0.84 -2.49 -11.72
C SER A 402 -1.63 -3.20 -12.83
N HIS A 403 -1.61 -2.61 -14.02
CA HIS A 403 -2.46 -3.08 -15.12
C HIS A 403 -2.09 -4.52 -15.49
N GLY A 404 -3.07 -5.41 -15.37
CA GLY A 404 -2.87 -6.84 -15.59
C GLY A 404 -2.88 -7.68 -14.34
N SER A 405 -2.83 -7.08 -13.15
CA SER A 405 -2.79 -7.86 -11.92
C SER A 405 -4.14 -8.49 -11.60
N LEU A 406 -5.22 -8.06 -12.24
CA LEU A 406 -6.54 -8.65 -12.08
C LEU A 406 -6.94 -9.53 -13.27
N ASN A 407 -5.99 -9.93 -14.11
CA ASN A 407 -6.37 -10.71 -15.29
C ASN A 407 -6.96 -12.06 -14.90
N HIS A 408 -6.64 -12.57 -13.70
CA HIS A 408 -7.19 -13.85 -13.28
C HIS A 408 -8.68 -13.76 -12.91
N LEU A 409 -9.26 -12.57 -12.91
CA LEU A 409 -10.71 -12.40 -12.73
C LEU A 409 -11.48 -12.52 -14.05
N LEU A 410 -10.80 -12.51 -15.19
CA LEU A 410 -11.45 -12.35 -16.48
C LEU A 410 -11.43 -13.65 -17.27
N LYS A 411 -12.50 -13.91 -18.02
CA LYS A 411 -12.51 -15.05 -18.93
C LYS A 411 -11.45 -14.89 -20.01
N LYS A 412 -11.29 -13.68 -20.54
CA LYS A 412 -10.39 -13.42 -21.66
C LYS A 412 -9.68 -12.11 -21.40
N PRO A 413 -8.51 -12.15 -20.77
CA PRO A 413 -7.81 -10.91 -20.41
C PRO A 413 -7.58 -9.99 -21.61
N ILE A 414 -7.78 -8.69 -21.37
CA ILE A 414 -7.66 -7.68 -22.41
C ILE A 414 -6.21 -7.24 -22.58
N TYR A 415 -5.52 -7.00 -21.47
CA TYR A 415 -4.21 -6.39 -21.45
C TYR A 415 -3.19 -7.42 -20.97
N ASN A 416 -2.14 -7.63 -21.77
CA ASN A 416 -1.08 -8.55 -21.40
C ASN A 416 0.11 -7.77 -20.87
N PRO A 417 0.39 -7.79 -19.58
CA PRO A 417 1.40 -6.90 -19.02
C PRO A 417 2.81 -7.39 -19.30
N SER A 418 3.75 -6.43 -19.21
CA SER A 418 5.17 -6.67 -19.46
C SER A 418 5.98 -6.25 -18.23
N HIS A 419 7.13 -6.89 -18.04
CA HIS A 419 8.03 -6.44 -16.99
C HIS A 419 8.60 -5.08 -17.38
N PRO A 420 8.86 -4.18 -16.42
CA PRO A 420 9.46 -2.90 -16.77
C PRO A 420 10.91 -3.05 -17.22
N LYS A 421 11.30 -2.24 -18.21
CA LYS A 421 12.65 -2.29 -18.76
C LYS A 421 13.68 -1.80 -17.74
N GLU A 422 14.90 -2.32 -17.83
CA GLU A 422 15.97 -1.82 -16.98
C GLU A 422 16.50 -0.55 -17.62
N GLU A 423 16.39 0.58 -16.92
CA GLU A 423 16.83 1.86 -17.46
C GLU A 423 18.15 2.34 -16.87
N GLY A 424 18.74 1.61 -15.94
CA GLY A 424 20.04 1.95 -15.43
C GLY A 424 21.13 1.70 -16.45
N PHE A 425 22.31 2.27 -16.17
CA PHE A 425 23.51 2.07 -16.96
C PHE A 425 24.38 1.07 -16.19
N LEU A 426 24.53 -0.13 -16.73
CA LEU A 426 25.21 -1.20 -16.02
C LEU A 426 26.65 -1.29 -16.52
N SER A 427 27.59 -1.42 -15.59
CA SER A 427 28.99 -1.55 -15.96
C SER A 427 29.65 -2.60 -15.10
N GLN A 428 30.83 -3.03 -15.53
CA GLN A 428 31.72 -3.86 -14.72
C GLN A 428 32.63 -2.95 -13.92
N CYS A 429 32.84 -3.27 -12.65
CA CYS A 429 33.69 -2.46 -11.80
C CYS A 429 35.05 -3.12 -11.68
N PRO A 430 36.10 -2.55 -12.28
CA PRO A 430 37.41 -3.20 -12.27
C PRO A 430 38.15 -2.96 -10.95
N ILE A 431 39.14 -3.80 -10.72
CA ILE A 431 39.96 -3.70 -9.52
C ILE A 431 40.95 -2.56 -9.69
N LYS A 432 40.93 -1.60 -8.77
CA LYS A 432 41.93 -0.55 -8.70
C LYS A 432 42.95 -0.93 -7.63
N SER A 433 44.22 -0.99 -8.01
CA SER A 433 45.28 -1.54 -7.16
C SER A 433 45.76 -0.59 -6.07
N THR A 434 45.05 0.50 -5.79
CA THR A 434 45.43 1.45 -4.76
C THR A 434 44.62 1.19 -3.49
N SER A 435 45.31 1.08 -2.36
CA SER A 435 44.68 0.85 -1.06
C SER A 435 45.02 1.98 -0.11
N ASN A 436 44.01 2.44 0.64
CA ASN A 436 44.18 3.49 1.63
C ASN A 436 43.90 2.95 3.02
N ASP A 437 44.38 3.69 4.02
CA ASP A 437 44.12 3.34 5.41
C ASP A 437 42.70 3.75 5.78
N LEU A 438 41.90 2.77 6.20
CA LEU A 438 40.52 3.04 6.59
C LEU A 438 40.39 3.44 8.06
N GLY A 439 41.44 3.28 8.86
CA GLY A 439 41.36 3.57 10.26
C GLY A 439 40.72 2.49 11.10
N CYS A 440 40.62 1.26 10.58
CA CYS A 440 39.93 0.21 11.30
C CYS A 440 40.88 -0.51 12.25
N THR A 441 40.28 -1.16 13.26
CA THR A 441 41.01 -1.90 14.28
C THR A 441 40.40 -3.31 14.37
N CYS A 442 40.60 -4.10 13.31
CA CYS A 442 39.99 -5.42 13.25
C CYS A 442 40.59 -6.34 14.32
N ASP A 443 39.71 -7.08 14.99
CA ASP A 443 40.12 -8.01 16.03
C ASP A 443 40.93 -9.16 15.44
N PRO A 444 41.73 -9.85 16.27
CA PRO A 444 42.63 -10.88 15.74
C PRO A 444 41.91 -12.06 15.08
N TRP A 445 40.71 -12.40 15.52
CA TRP A 445 40.00 -13.54 14.93
C TRP A 445 39.33 -13.22 13.60
N ILE A 446 39.36 -11.98 13.14
CA ILE A 446 38.83 -11.68 11.82
C ILE A 446 39.83 -12.12 10.78
N VAL A 447 39.39 -12.92 9.82
CA VAL A 447 40.28 -13.44 8.79
C VAL A 447 40.42 -12.37 7.70
N PRO A 448 41.61 -11.83 7.48
CA PRO A 448 41.75 -10.78 6.46
C PRO A 448 41.59 -11.34 5.06
N ILE A 449 41.40 -10.41 4.12
CA ILE A 449 41.48 -10.70 2.69
C ILE A 449 42.88 -10.27 2.27
N LYS A 450 43.83 -11.21 2.27
CA LYS A 450 45.24 -10.86 2.06
C LYS A 450 45.54 -10.58 0.59
N ASP A 451 44.93 -11.32 -0.33
CA ASP A 451 45.09 -11.10 -1.77
C ASP A 451 43.70 -10.93 -2.36
N PHE A 452 43.39 -9.70 -2.80
CA PHE A 452 42.05 -9.40 -3.29
C PHE A 452 41.74 -10.13 -4.59
N GLU A 453 42.63 -10.03 -5.57
CA GLU A 453 42.41 -10.66 -6.86
C GLU A 453 42.56 -12.17 -6.76
N ASP A 462 30.53 -18.71 -13.33
CA ASP A 462 30.10 -18.64 -11.94
C ASP A 462 28.58 -18.58 -11.86
N ASP A 463 27.94 -19.44 -12.67
CA ASP A 463 26.49 -19.47 -12.70
C ASP A 463 25.92 -19.99 -11.38
N ASP A 464 26.50 -21.07 -10.85
CA ASP A 464 25.95 -21.68 -9.64
C ASP A 464 25.95 -20.71 -8.48
N ILE A 465 27.06 -19.99 -8.28
CA ILE A 465 27.11 -18.97 -7.23
C ILE A 465 26.12 -17.86 -7.53
N TYR A 466 26.03 -17.44 -8.79
CA TYR A 466 25.08 -16.41 -9.17
C TYR A 466 23.65 -16.86 -8.90
N HIS A 467 23.31 -18.10 -9.27
CA HIS A 467 21.94 -18.56 -9.04
C HIS A 467 21.63 -18.68 -7.55
N MET A 468 22.60 -19.10 -6.74
CA MET A 468 22.35 -19.21 -5.30
C MET A 468 21.99 -17.86 -4.70
N THR A 469 22.66 -16.80 -5.14
CA THR A 469 22.42 -15.49 -4.55
C THR A 469 21.16 -14.83 -5.13
N VAL A 470 20.86 -15.03 -6.40
CA VAL A 470 19.64 -14.46 -7.01
C VAL A 470 18.83 -15.53 -7.74
N PRO A 471 18.17 -16.44 -7.04
CA PRO A 471 17.51 -17.57 -7.72
C PRO A 471 16.30 -17.21 -8.55
N TYR A 472 15.75 -15.99 -8.42
CA TYR A 472 14.60 -15.55 -9.19
C TYR A 472 14.99 -14.50 -10.23
N GLY A 473 16.28 -14.33 -10.48
CA GLY A 473 16.84 -13.26 -11.27
C GLY A 473 17.27 -12.10 -10.41
N ARG A 474 18.33 -11.41 -10.84
CA ARG A 474 18.76 -10.26 -10.04
C ARG A 474 17.72 -9.15 -10.12
N PRO A 475 17.62 -8.32 -9.08
CA PRO A 475 16.78 -7.12 -9.19
C PRO A 475 17.22 -6.28 -10.39
N ARG A 476 16.25 -5.71 -11.09
CA ARG A 476 16.53 -4.84 -12.23
C ARG A 476 16.52 -3.37 -11.79
N ILE A 477 17.38 -2.57 -12.41
CA ILE A 477 17.53 -1.15 -12.11
C ILE A 477 16.53 -0.37 -12.97
N LEU A 478 15.46 0.12 -12.34
CA LEU A 478 14.53 1.00 -13.05
C LEU A 478 14.96 2.46 -13.00
N LEU A 479 15.76 2.83 -11.99
CA LEU A 479 16.35 4.16 -11.87
C LEU A 479 16.93 4.65 -13.18
N LYS A 480 16.32 5.68 -13.78
CA LYS A 480 16.70 6.09 -15.13
C LYS A 480 18.12 6.65 -15.17
N GLN A 481 18.97 6.03 -16.00
CA GLN A 481 20.33 6.45 -16.26
C GLN A 481 21.23 6.38 -15.03
N HIS A 482 20.85 5.62 -14.01
CA HIS A 482 21.66 5.48 -12.81
C HIS A 482 22.78 4.47 -13.06
N ARG A 483 24.00 4.82 -12.65
CA ARG A 483 25.17 3.98 -12.92
C ARG A 483 25.32 2.94 -11.82
N VAL A 484 25.25 1.66 -12.19
CA VAL A 484 25.29 0.53 -11.27
C VAL A 484 26.29 -0.48 -11.80
N CYS A 485 27.10 -1.05 -10.90
CA CYS A 485 27.85 -2.25 -11.26
C CYS A 485 27.49 -3.36 -10.28
N LEU A 486 27.55 -4.59 -10.77
CA LEU A 486 27.26 -5.75 -9.94
C LEU A 486 28.55 -6.25 -9.32
N LEU A 487 28.53 -6.44 -8.01
CA LEU A 487 29.67 -6.98 -7.27
C LEU A 487 29.30 -8.38 -6.79
N GLN A 488 30.02 -9.39 -7.29
CA GLN A 488 29.74 -10.76 -6.92
C GLN A 488 30.67 -11.21 -5.79
N GLN A 489 30.08 -11.85 -4.78
CA GLN A 489 30.82 -12.52 -3.72
C GLN A 489 30.39 -13.97 -3.65
N GLN A 490 31.11 -14.76 -2.85
CA GLN A 490 30.79 -16.18 -2.70
C GLN A 490 29.38 -16.41 -2.19
N GLN A 491 28.89 -15.54 -1.33
CA GLN A 491 27.64 -15.79 -0.65
C GLN A 491 26.59 -14.71 -0.89
N PHE A 492 26.92 -13.65 -1.63
CA PHE A 492 25.90 -12.65 -1.91
C PHE A 492 26.29 -11.85 -3.14
N LEU A 493 25.29 -11.15 -3.69
CA LEU A 493 25.48 -10.28 -4.84
C LEU A 493 25.02 -8.88 -4.48
N THR A 494 25.76 -7.88 -4.94
CA THR A 494 25.50 -6.48 -4.63
C THR A 494 25.18 -5.72 -5.90
N GLY A 495 24.11 -4.94 -5.87
CA GLY A 495 23.94 -3.93 -6.89
C GLY A 495 24.49 -2.62 -6.38
N TYR A 496 25.65 -2.20 -6.89
CA TYR A 496 26.37 -1.07 -6.28
C TYR A 496 26.18 0.20 -7.10
N SER A 497 25.79 1.28 -6.42
CA SER A 497 25.59 2.56 -7.10
C SER A 497 26.90 3.33 -7.17
N LEU A 498 27.38 3.56 -8.39
CA LEU A 498 28.53 4.41 -8.64
C LEU A 498 28.20 5.90 -8.56
N ASP A 499 26.90 6.25 -8.62
CA ASP A 499 26.50 7.64 -8.46
C ASP A 499 26.37 8.04 -6.99
N LEU A 500 26.06 7.10 -6.11
CA LEU A 500 25.89 7.39 -4.69
C LEU A 500 27.02 6.84 -3.83
N LEU A 501 27.84 5.96 -4.39
CA LEU A 501 28.93 5.31 -3.63
C LEU A 501 28.38 4.61 -2.40
N MET A 502 27.30 3.87 -2.61
CA MET A 502 26.78 2.93 -1.61
C MET A 502 25.95 1.89 -2.34
N PRO A 503 25.72 0.73 -1.72
CA PRO A 503 24.99 -0.33 -2.41
C PRO A 503 23.50 -0.04 -2.44
N LEU A 504 22.87 -0.35 -3.57
CA LEU A 504 21.43 -0.20 -3.70
C LEU A 504 20.68 -1.43 -3.22
N TRP A 505 21.29 -2.60 -3.36
CA TRP A 505 20.68 -3.83 -2.86
C TRP A 505 21.79 -4.86 -2.67
N ALA A 506 21.54 -5.79 -1.75
CA ALA A 506 22.35 -7.00 -1.63
C ALA A 506 21.36 -8.17 -1.59
N SER A 507 21.75 -9.27 -2.21
CA SER A 507 20.86 -10.44 -2.28
C SER A 507 21.64 -11.68 -1.85
N TYR A 508 21.03 -12.49 -1.00
CA TYR A 508 21.67 -13.71 -0.52
C TYR A 508 20.58 -14.68 -0.10
N THR A 509 20.94 -15.96 -0.02
CA THR A 509 20.00 -17.00 0.37
C THR A 509 20.49 -17.69 1.64
N PHE A 510 19.55 -17.99 2.53
CA PHE A 510 19.80 -18.35 3.91
C PHE A 510 19.00 -19.62 4.20
N LEU A 511 19.67 -20.76 4.31
CA LEU A 511 18.96 -22.03 4.48
C LEU A 511 18.72 -22.33 5.96
N SER A 512 17.79 -23.28 6.19
CA SER A 512 17.33 -23.58 7.55
C SER A 512 18.46 -24.10 8.44
N ASN A 513 19.43 -24.81 7.86
CA ASN A 513 20.52 -25.39 8.62
C ASN A 513 21.75 -24.49 8.67
N ASP A 514 21.71 -23.31 8.05
CA ASP A 514 22.86 -22.43 8.05
C ASP A 514 23.10 -21.86 9.43
N GLN A 515 24.37 -21.72 9.80
CA GLN A 515 24.76 -21.31 11.14
C GLN A 515 25.36 -19.91 11.12
N PHE A 516 25.11 -19.15 12.18
CA PHE A 516 25.66 -17.82 12.35
C PHE A 516 26.88 -17.89 13.26
N SER A 517 27.77 -16.92 13.10
CA SER A 517 28.97 -16.85 13.91
C SER A 517 28.75 -15.98 15.13
N ARG A 518 29.44 -16.32 16.21
CA ARG A 518 29.29 -15.59 17.47
C ARG A 518 30.33 -14.49 17.66
N ASP A 519 31.31 -14.40 16.76
CA ASP A 519 32.44 -13.49 16.95
C ASP A 519 32.02 -12.04 16.80
N ASP A 520 32.75 -11.16 17.47
CA ASP A 520 32.57 -9.73 17.31
C ASP A 520 33.34 -9.25 16.08
N PHE A 521 32.82 -8.20 15.44
CA PHE A 521 33.50 -7.60 14.29
C PHE A 521 33.40 -6.08 14.34
N SER A 522 33.54 -5.52 15.54
CA SER A 522 33.39 -4.08 15.72
C SER A 522 34.53 -3.31 15.07
N ASN A 523 34.19 -2.19 14.44
CA ASN A 523 35.16 -1.26 13.85
C ASN A 523 36.12 -1.99 12.91
N CYS A 524 35.56 -2.80 12.01
CA CYS A 524 36.36 -3.62 11.12
C CYS A 524 35.75 -3.63 9.72
N LEU A 525 36.50 -3.13 8.74
CA LEU A 525 36.08 -3.14 7.35
C LEU A 525 37.30 -3.43 6.46
N TYR A 526 37.02 -3.92 5.26
CA TYR A 526 38.05 -4.16 4.25
C TYR A 526 37.68 -3.39 2.99
N GLN A 527 38.64 -2.64 2.46
CA GLN A 527 38.36 -1.79 1.30
C GLN A 527 38.07 -2.66 0.08
N ASP A 528 36.90 -2.44 -0.52
CA ASP A 528 36.58 -3.07 -1.81
C ASP A 528 37.30 -2.28 -2.91
N LEU A 529 38.30 -2.91 -3.51
CA LEU A 529 39.12 -2.25 -4.53
C LEU A 529 38.40 -2.13 -5.86
N ARG A 530 37.20 -2.69 -5.99
CA ARG A 530 36.40 -2.53 -7.20
C ARG A 530 35.55 -1.26 -7.21
N ILE A 531 35.45 -0.55 -6.11
CA ILE A 531 34.59 0.63 -6.04
C ILE A 531 35.47 1.84 -5.74
N PRO A 532 34.99 3.05 -6.11
CA PRO A 532 35.74 4.27 -5.75
C PRO A 532 35.69 4.52 -4.25
N LEU A 533 36.85 4.87 -3.69
CA LEU A 533 36.95 5.09 -2.25
C LEU A 533 36.32 6.42 -1.86
N SER A 534 35.37 6.38 -0.94
CA SER A 534 34.80 7.59 -0.38
C SER A 534 35.31 7.80 1.03
N PRO A 535 35.43 9.06 1.49
CA PRO A 535 35.78 9.28 2.90
C PRO A 535 34.75 8.73 3.86
N VAL A 536 33.51 8.53 3.42
CA VAL A 536 32.49 7.99 4.31
C VAL A 536 32.42 6.48 4.13
N HIS A 537 33.49 5.89 3.58
CA HIS A 537 33.69 4.45 3.56
C HIS A 537 34.60 3.96 4.68
N LYS A 538 35.20 4.86 5.46
CA LYS A 538 36.28 4.51 6.37
C LYS A 538 35.78 4.37 7.80
N CYS A 539 36.40 3.45 8.54
CA CYS A 539 36.05 3.28 9.95
C CYS A 539 36.23 4.57 10.72
N SER A 540 37.25 5.36 10.36
CA SER A 540 37.56 6.57 11.12
C SER A 540 36.46 7.62 10.96
N TYR A 541 35.70 7.57 9.87
CA TYR A 541 34.59 8.51 9.73
C TYR A 541 33.54 8.29 10.81
N TYR A 542 33.20 7.04 11.10
CA TYR A 542 32.14 6.72 12.03
C TYR A 542 32.64 6.52 13.46
N LYS A 543 33.95 6.54 13.68
CA LYS A 543 34.51 6.29 15.02
C LYS A 543 34.07 7.36 16.01
N SER A 544 33.40 6.93 17.07
CA SER A 544 32.85 7.80 18.13
C SER A 544 31.88 8.84 17.56
N ASN A 545 31.36 8.59 16.36
CA ASN A 545 30.42 9.49 15.70
C ASN A 545 29.05 9.35 16.37
N SER A 546 28.69 10.35 17.19
CA SER A 546 27.41 10.30 17.88
C SER A 546 26.25 10.50 16.91
N LYS A 547 26.48 11.20 15.80
CA LYS A 547 25.40 11.51 14.86
C LYS A 547 25.00 10.33 13.99
N LEU A 548 25.89 9.37 13.76
CA LEU A 548 25.69 8.42 12.68
C LEU A 548 26.69 7.27 12.82
N SER A 549 26.25 6.06 12.48
CA SER A 549 27.12 4.89 12.43
C SER A 549 26.94 4.24 11.05
N TYR A 550 27.35 2.97 10.92
CA TYR A 550 27.18 2.24 9.65
C TYR A 550 26.65 0.84 9.95
N GLY A 551 25.92 0.28 8.99
CA GLY A 551 25.37 -1.05 9.11
C GLY A 551 25.63 -1.84 7.83
N PHE A 552 25.41 -3.16 7.90
CA PHE A 552 25.70 -4.06 6.78
C PHE A 552 24.41 -4.56 6.13
N LEU A 553 24.42 -4.69 4.80
CA LEU A 553 23.26 -5.27 4.13
C LEU A 553 23.28 -6.79 4.23
N THR A 554 24.37 -7.42 3.80
CA THR A 554 24.50 -8.84 4.02
C THR A 554 25.14 -9.07 5.39
N PRO A 555 24.59 -9.95 6.23
CA PRO A 555 25.06 -10.07 7.62
C PRO A 555 26.36 -10.86 7.71
N PRO A 556 27.41 -10.28 8.27
CA PRO A 556 28.71 -10.98 8.30
C PRO A 556 28.73 -12.23 9.16
N ARG A 557 27.77 -12.41 10.08
CA ARG A 557 27.77 -13.62 10.90
C ARG A 557 27.36 -14.85 10.11
N LEU A 558 26.67 -14.68 8.99
CA LEU A 558 26.20 -15.80 8.17
C LEU A 558 27.37 -16.27 7.30
N ASN A 559 27.87 -17.47 7.59
CA ASN A 559 28.97 -18.08 6.84
C ASN A 559 28.58 -19.54 6.59
N ARG A 560 28.10 -19.83 5.39
CA ARG A 560 27.52 -21.14 5.11
C ARG A 560 28.56 -22.23 5.08
N VAL A 561 29.73 -21.95 4.52
CA VAL A 561 30.70 -23.00 4.23
C VAL A 561 31.74 -23.09 5.33
N SER A 562 32.08 -21.95 5.94
CA SER A 562 33.14 -21.91 6.95
C SER A 562 32.56 -21.58 8.31
N ASN A 563 33.45 -21.46 9.30
CA ASN A 563 33.06 -21.39 10.71
C ASN A 563 33.19 -20.00 11.33
N HIS A 564 33.88 -19.08 10.67
CA HIS A 564 34.25 -17.78 11.21
C HIS A 564 33.35 -16.69 10.63
N ILE A 565 33.66 -15.43 10.99
CA ILE A 565 32.98 -14.29 10.38
C ILE A 565 33.24 -14.32 8.88
N TYR A 566 32.21 -14.01 8.11
CA TYR A 566 32.34 -13.99 6.66
C TYR A 566 33.01 -12.68 6.25
N SER A 567 34.31 -12.73 5.94
CA SER A 567 35.07 -11.50 5.72
C SER A 567 34.61 -10.74 4.48
N GLU A 568 34.09 -11.42 3.45
CA GLU A 568 33.61 -10.69 2.28
C GLU A 568 32.41 -9.79 2.60
N ALA A 569 31.67 -10.08 3.66
CA ALA A 569 30.60 -9.17 4.05
C ALA A 569 31.11 -7.92 4.77
N LEU A 570 32.41 -7.84 5.05
CA LEU A 570 33.01 -6.66 5.65
C LEU A 570 33.57 -5.68 4.62
N LEU A 571 33.35 -5.95 3.33
CA LEU A 571 33.76 -5.03 2.27
C LEU A 571 33.03 -3.70 2.36
N THR A 572 33.73 -2.62 2.01
CA THR A 572 33.15 -1.29 2.08
C THR A 572 31.96 -1.12 1.14
N SER A 573 31.81 -2.02 0.17
CA SER A 573 30.65 -2.02 -0.73
C SER A 573 29.39 -2.56 -0.07
N ASN A 574 29.46 -3.04 1.18
CA ASN A 574 28.34 -3.68 1.84
C ASN A 574 27.82 -2.89 3.04
N ILE A 575 28.24 -1.63 3.20
CA ILE A 575 27.80 -0.82 4.32
C ILE A 575 26.95 0.35 3.84
N VAL A 576 26.09 0.81 4.75
CA VAL A 576 25.23 1.98 4.54
C VAL A 576 25.25 2.82 5.81
N PRO A 577 25.03 4.12 5.67
CA PRO A 577 24.94 4.97 6.88
C PRO A 577 23.73 4.55 7.70
N MET A 578 23.93 4.42 9.02
CA MET A 578 22.88 3.87 9.87
C MET A 578 22.95 4.43 11.28
N TYR A 579 21.82 4.92 11.77
CA TYR A 579 21.75 5.43 13.13
C TYR A 579 21.92 4.30 14.14
N GLN A 580 22.56 4.64 15.28
CA GLN A 580 22.69 3.68 16.38
C GLN A 580 21.33 3.17 16.82
N SER A 581 20.33 4.04 16.91
CA SER A 581 19.00 3.59 17.34
C SER A 581 18.46 2.54 16.37
N PHE A 582 18.63 2.74 15.07
CA PHE A 582 18.07 1.79 14.11
C PHE A 582 18.82 0.47 14.13
N GLN A 583 20.10 0.49 14.51
CA GLN A 583 20.86 -0.75 14.65
C GLN A 583 20.22 -1.71 15.65
N VAL A 584 19.52 -1.18 16.66
CA VAL A 584 18.82 -2.07 17.60
C VAL A 584 17.87 -2.97 16.81
N ILE A 585 17.09 -2.36 15.92
CA ILE A 585 16.17 -3.10 15.05
C ILE A 585 16.94 -4.00 14.10
N TRP A 586 17.90 -3.42 13.38
CA TRP A 586 18.57 -4.15 12.30
C TRP A 586 19.33 -5.34 12.85
N HIS A 587 20.03 -5.16 13.97
CA HIS A 587 20.78 -6.27 14.55
C HIS A 587 19.85 -7.35 15.07
N TYR A 588 18.74 -6.97 15.72
CA TYR A 588 17.80 -7.98 16.18
C TYR A 588 17.17 -8.72 14.99
N LEU A 589 16.80 -7.98 13.94
CA LEU A 589 16.27 -8.60 12.73
C LEU A 589 17.21 -9.67 12.19
N HIS A 590 18.49 -9.33 12.04
CA HIS A 590 19.42 -10.25 11.40
C HIS A 590 20.03 -11.28 12.36
N ASP A 591 20.13 -10.98 13.65
CA ASP A 591 20.71 -11.96 14.57
C ASP A 591 19.70 -12.95 15.13
N THR A 592 18.43 -12.57 15.19
CA THR A 592 17.40 -13.40 15.82
C THR A 592 16.26 -13.76 14.89
N LEU A 593 15.60 -12.78 14.27
CA LEU A 593 14.37 -13.07 13.52
C LEU A 593 14.66 -13.87 12.25
N LEU A 594 15.69 -13.49 11.50
CA LEU A 594 15.93 -14.13 10.20
C LEU A 594 16.13 -15.64 10.35
N GLN A 595 16.84 -16.06 11.40
CA GLN A 595 17.06 -17.48 11.60
C GLN A 595 15.76 -18.21 11.87
N ARG A 596 14.87 -17.61 12.67
CA ARG A 596 13.58 -18.23 12.93
C ARG A 596 12.74 -18.30 11.67
N TYR A 597 12.71 -17.22 10.88
CA TYR A 597 11.94 -17.24 9.63
C TYR A 597 12.46 -18.32 8.67
N ALA A 598 13.78 -18.53 8.63
CA ALA A 598 14.31 -19.60 7.79
C ALA A 598 13.88 -20.97 8.32
N HIS A 599 13.81 -21.12 9.65
CA HIS A 599 13.32 -22.38 10.19
C HIS A 599 11.84 -22.57 9.89
N GLU A 600 11.04 -21.51 10.01
CA GLU A 600 9.62 -21.61 9.72
C GLU A 600 9.34 -21.80 8.23
N ARG A 601 10.21 -21.29 7.36
CA ARG A 601 9.90 -21.24 5.92
C ARG A 601 10.78 -22.17 5.10
N ASN A 602 11.59 -23.02 5.75
CA ASN A 602 12.53 -23.92 5.07
C ASN A 602 13.54 -23.12 4.24
N GLY A 603 14.14 -22.12 4.87
CA GLY A 603 15.03 -21.19 4.19
C GLY A 603 14.31 -19.96 3.68
N ILE A 604 15.07 -18.86 3.57
CA ILE A 604 14.58 -17.62 2.97
C ILE A 604 15.69 -17.04 2.10
N ASN A 605 15.30 -16.53 0.93
CA ASN A 605 16.14 -15.62 0.17
C ASN A 605 15.83 -14.20 0.60
N VAL A 606 16.87 -13.36 0.66
CA VAL A 606 16.77 -12.00 1.20
C VAL A 606 17.34 -11.01 0.19
N VAL A 607 16.63 -9.89 -0.01
CA VAL A 607 17.16 -8.69 -0.65
C VAL A 607 16.89 -7.53 0.30
N SER A 608 17.93 -6.72 0.55
CA SER A 608 17.83 -5.57 1.44
CA SER A 608 17.80 -5.56 1.42
C SER A 608 18.59 -4.40 0.85
N GLY A 609 18.25 -3.19 1.29
CA GLY A 609 18.90 -2.00 0.79
C GLY A 609 18.37 -0.71 1.36
N PRO A 610 19.05 0.38 1.04
CA PRO A 610 18.60 1.71 1.48
C PRO A 610 17.44 2.20 0.65
N VAL A 611 16.69 3.13 1.25
CA VAL A 611 15.58 3.82 0.59
C VAL A 611 15.80 5.32 0.79
N PHE A 612 15.59 6.09 -0.28
CA PHE A 612 15.62 7.54 -0.20
C PHE A 612 14.31 8.08 -0.73
N ASP A 613 13.44 8.57 0.18
CA ASP A 613 12.18 9.19 -0.23
C ASP A 613 11.98 10.46 0.61
N PHE A 614 12.86 11.43 0.37
CA PHE A 614 12.87 12.64 1.20
C PHE A 614 11.62 13.47 0.99
N ASP A 615 11.02 13.41 -0.19
CA ASP A 615 9.81 14.18 -0.48
C ASP A 615 8.54 13.37 -0.22
N TYR A 616 8.67 12.22 0.43
CA TYR A 616 7.56 11.37 0.90
C TYR A 616 6.45 11.24 -0.14
N ASP A 617 6.84 10.86 -1.36
CA ASP A 617 5.86 10.59 -2.40
C ASP A 617 5.80 9.11 -2.75
N GLY A 618 6.46 8.27 -1.97
CA GLY A 618 6.44 6.83 -2.18
C GLY A 618 7.24 6.36 -3.38
N ARG A 619 8.01 7.25 -3.98
CA ARG A 619 8.82 6.91 -5.15
C ARG A 619 10.24 7.36 -4.90
N TYR A 620 11.17 6.75 -5.64
CA TYR A 620 12.58 7.06 -5.44
C TYR A 620 12.84 8.51 -5.79
N ASP A 621 13.84 9.09 -5.14
CA ASP A 621 14.15 10.51 -5.33
C ASP A 621 15.06 10.73 -6.53
N SER A 622 14.82 11.82 -7.26
CA SER A 622 15.73 12.24 -8.30
C SER A 622 17.06 12.65 -7.69
N LEU A 623 18.05 12.86 -8.56
CA LEU A 623 19.37 13.26 -8.08
C LEU A 623 19.34 14.65 -7.46
N GLU A 624 18.59 15.57 -8.07
CA GLU A 624 18.47 16.91 -7.52
C GLU A 624 17.86 16.89 -6.12
N ILE A 625 16.88 16.02 -5.88
CA ILE A 625 16.29 15.92 -4.55
C ILE A 625 17.31 15.38 -3.55
N LEU A 626 18.09 14.38 -3.95
CA LEU A 626 19.13 13.84 -3.08
C LEU A 626 20.13 14.92 -2.69
N LYS A 627 20.57 15.72 -3.66
CA LYS A 627 21.57 16.75 -3.36
C LYS A 627 21.02 17.77 -2.37
N GLN A 628 19.73 18.11 -2.50
CA GLN A 628 19.12 19.05 -1.57
C GLN A 628 19.02 18.51 -0.16
N ASN A 629 19.06 17.19 0.00
CA ASN A 629 18.87 16.56 1.30
C ASN A 629 20.16 15.96 1.86
N SER A 630 21.28 16.25 1.23
CA SER A 630 22.56 15.82 1.79
C SER A 630 22.82 16.59 3.09
N ARG A 631 23.55 15.94 3.99
CA ARG A 631 23.91 16.54 5.27
C ARG A 631 25.42 16.50 5.42
N VAL A 632 26.00 17.55 5.96
CA VAL A 632 27.42 17.55 6.30
C VAL A 632 27.56 17.07 7.74
N ILE A 633 28.24 15.94 7.91
CA ILE A 633 28.50 15.36 9.23
C ILE A 633 29.98 15.04 9.33
N ARG A 634 30.65 15.64 10.32
CA ARG A 634 32.10 15.50 10.47
C ARG A 634 32.83 15.90 9.20
N SER A 635 32.47 17.07 8.67
CA SER A 635 33.14 17.70 7.53
C SER A 635 33.03 16.90 6.24
N GLN A 636 32.02 16.04 6.11
CA GLN A 636 31.79 15.30 4.87
C GLN A 636 30.31 15.32 4.53
N GLU A 637 30.01 15.47 3.23
CA GLU A 637 28.65 15.31 2.74
C GLU A 637 28.26 13.83 2.78
N ILE A 638 27.08 13.55 3.32
CA ILE A 638 26.60 12.18 3.43
C ILE A 638 25.09 12.16 3.23
N LEU A 639 24.61 11.10 2.60
CA LEU A 639 23.20 10.92 2.28
C LEU A 639 22.67 9.81 3.18
N ILE A 640 21.75 10.14 4.06
CA ILE A 640 21.27 9.22 5.09
C ILE A 640 19.92 8.67 4.65
N PRO A 641 19.78 7.34 4.51
CA PRO A 641 18.52 6.79 3.97
C PRO A 641 17.34 7.13 4.86
N THR A 642 16.17 7.30 4.23
CA THR A 642 14.96 7.56 5.00
C THR A 642 14.37 6.28 5.55
N HIS A 643 14.65 5.15 4.90
CA HIS A 643 14.13 3.84 5.29
C HIS A 643 15.14 2.79 4.87
N PHE A 644 14.90 1.56 5.33
CA PHE A 644 15.59 0.40 4.78
C PHE A 644 14.56 -0.64 4.38
N PHE A 645 14.74 -1.25 3.21
CA PHE A 645 13.79 -2.26 2.76
C PHE A 645 14.39 -3.65 2.93
N ILE A 646 13.50 -4.64 3.11
CA ILE A 646 13.93 -6.02 3.10
C ILE A 646 12.81 -6.85 2.47
N VAL A 647 13.17 -7.75 1.56
CA VAL A 647 12.23 -8.65 0.91
C VAL A 647 12.65 -10.09 1.17
N LEU A 648 11.74 -10.87 1.73
CA LEU A 648 11.96 -12.26 2.11
C LEU A 648 11.15 -13.15 1.17
N THR A 649 11.82 -14.09 0.51
CA THR A 649 11.14 -14.98 -0.43
C THR A 649 11.47 -16.42 -0.10
N SER A 650 10.46 -17.28 -0.14
CA SER A 650 10.61 -18.72 0.04
C SER A 650 9.52 -19.40 -0.79
N CYS A 651 9.35 -20.71 -0.61
CA CYS A 651 8.44 -21.47 -1.46
C CYS A 651 7.09 -21.67 -0.77
N LYS A 652 6.04 -21.75 -1.58
CA LYS A 652 4.73 -22.14 -1.08
C LYS A 652 4.78 -23.50 -0.40
N GLN A 653 5.33 -24.50 -1.10
CA GLN A 653 5.51 -25.82 -0.51
C GLN A 653 6.71 -25.81 0.42
N LEU A 654 6.50 -26.25 1.67
CA LEU A 654 7.58 -26.23 2.65
C LEU A 654 8.63 -27.29 2.39
N SER A 655 8.37 -28.26 1.52
CA SER A 655 9.36 -29.27 1.19
C SER A 655 10.46 -28.72 0.28
N GLU A 656 10.29 -27.51 -0.27
CA GLU A 656 11.24 -26.94 -1.21
C GLU A 656 12.02 -25.81 -0.57
N THR A 657 13.32 -25.74 -0.88
CA THR A 657 14.16 -24.64 -0.44
C THR A 657 14.04 -23.49 -1.43
N PRO A 658 14.41 -22.27 -1.01
CA PRO A 658 14.22 -21.09 -1.88
C PRO A 658 14.92 -21.17 -3.22
N LEU A 659 15.78 -22.16 -3.45
CA LEU A 659 16.44 -22.35 -4.73
C LEU A 659 15.68 -23.26 -5.67
N GLU A 660 14.55 -23.84 -5.22
CA GLU A 660 13.82 -24.80 -6.04
C GLU A 660 12.30 -24.60 -5.92
N CYS A 661 11.85 -23.36 -5.76
CA CYS A 661 10.44 -23.11 -5.53
C CYS A 661 9.61 -23.36 -6.79
N SER A 662 8.57 -24.20 -6.66
CA SER A 662 7.52 -24.23 -7.67
C SER A 662 6.72 -22.93 -7.67
N ALA A 663 6.46 -22.37 -6.49
CA ALA A 663 5.72 -21.13 -6.38
C ALA A 663 6.26 -20.34 -5.19
N LEU A 664 6.15 -19.01 -5.26
CA LEU A 664 6.82 -18.12 -4.30
C LEU A 664 5.88 -17.64 -3.20
N GLU A 665 6.47 -17.46 -2.02
CA GLU A 665 5.88 -16.79 -0.86
C GLU A 665 6.76 -15.58 -0.56
N SER A 666 6.21 -14.38 -0.66
CA SER A 666 6.97 -13.14 -0.51
C SER A 666 6.46 -12.33 0.68
N SER A 667 7.40 -11.78 1.47
CA SER A 667 7.11 -10.77 2.49
C SER A 667 8.06 -9.61 2.28
N ALA A 668 7.54 -8.39 2.29
CA ALA A 668 8.34 -7.19 2.15
C ALA A 668 8.06 -6.22 3.29
N TYR A 669 9.04 -5.36 3.57
CA TYR A 669 9.01 -4.40 4.66
C TYR A 669 9.76 -3.15 4.22
N ILE A 670 9.27 -1.99 4.65
CA ILE A 670 9.93 -0.71 4.41
C ILE A 670 10.08 -0.07 5.79
N LEU A 671 11.24 -0.26 6.41
CA LEU A 671 11.42 0.11 7.80
C LEU A 671 11.86 1.57 7.90
N PRO A 672 11.18 2.39 8.70
CA PRO A 672 11.62 3.78 8.86
C PRO A 672 13.00 3.83 9.53
N HIS A 673 13.83 4.75 9.05
CA HIS A 673 15.18 4.91 9.58
C HIS A 673 15.20 6.14 10.49
N ARG A 674 14.82 5.92 11.76
CA ARG A 674 14.70 7.03 12.67
C ARG A 674 15.87 7.06 13.65
N PRO A 675 16.29 8.25 14.08
CA PRO A 675 17.42 8.34 15.01
C PRO A 675 17.06 8.14 16.48
N ASP A 676 15.83 7.73 16.78
CA ASP A 676 15.45 7.23 18.08
C ASP A 676 14.39 6.17 17.86
N ASN A 677 13.98 5.52 18.95
CA ASN A 677 12.93 4.51 18.86
C ASN A 677 11.68 4.92 19.62
N ILE A 678 11.38 6.23 19.63
CA ILE A 678 10.18 6.72 20.30
C ILE A 678 8.93 6.10 19.70
N GLU A 679 8.98 5.73 18.42
CA GLU A 679 7.81 5.11 17.79
C GLU A 679 7.40 3.84 18.52
N SER A 680 8.36 3.10 19.06
CA SER A 680 8.08 1.79 19.65
C SER A 680 7.86 1.81 21.16
N CYS A 681 8.04 2.97 21.82
CA CYS A 681 7.78 3.12 23.26
C CYS A 681 8.38 1.97 24.07
N THR A 682 9.70 1.85 23.99
CA THR A 682 10.39 0.62 24.33
C THR A 682 10.48 0.33 25.82
N HIS A 683 10.16 1.29 26.67
CA HIS A 683 10.33 1.13 28.11
C HIS A 683 9.45 0.01 28.65
N GLY A 684 10.09 -1.02 29.20
CA GLY A 684 9.38 -2.14 29.81
C GLY A 684 8.94 -3.25 28.87
N LYS A 685 9.40 -3.26 27.62
CA LYS A 685 9.02 -4.25 26.63
C LYS A 685 10.19 -5.16 26.28
N ARG A 686 9.89 -6.43 26.01
CA ARG A 686 10.88 -7.33 25.44
C ARG A 686 11.25 -6.87 24.03
N GLU A 687 12.55 -6.89 23.72
CA GLU A 687 12.97 -6.57 22.36
C GLU A 687 12.33 -7.51 21.36
N SER A 688 12.12 -8.77 21.77
CA SER A 688 11.47 -9.75 20.91
C SER A 688 10.09 -9.27 20.49
N SER A 689 9.36 -8.62 21.39
CA SER A 689 8.03 -8.15 21.07
C SER A 689 8.07 -6.90 20.19
N TRP A 690 8.79 -5.85 20.61
CA TRP A 690 8.59 -4.56 19.94
C TRP A 690 9.30 -4.46 18.61
N VAL A 691 10.43 -5.13 18.41
CA VAL A 691 11.05 -5.09 17.10
C VAL A 691 10.16 -5.79 16.08
N GLU A 692 9.64 -6.97 16.43
CA GLU A 692 8.78 -7.68 15.50
C GLU A 692 7.47 -6.93 15.26
N GLU A 693 6.95 -6.27 16.30
CA GLU A 693 5.75 -5.46 16.14
C GLU A 693 5.98 -4.30 15.18
N LEU A 694 7.15 -3.68 15.24
CA LEU A 694 7.50 -2.61 14.31
C LEU A 694 7.57 -3.14 12.88
N LEU A 695 8.18 -4.31 12.71
CA LEU A 695 8.30 -4.93 11.39
C LEU A 695 6.92 -5.19 10.78
N THR A 696 6.03 -5.79 11.57
CA THR A 696 4.69 -6.11 11.09
C THR A 696 3.93 -4.86 10.66
N LEU A 697 3.98 -3.80 11.50
CA LEU A 697 3.30 -2.55 11.17
C LEU A 697 3.79 -1.97 9.85
N HIS A 698 5.09 -2.10 9.56
CA HIS A 698 5.68 -1.50 8.38
C HIS A 698 5.87 -2.50 7.24
N ARG A 699 5.14 -3.61 7.27
CA ARG A 699 5.08 -4.48 6.10
C ARG A 699 4.59 -3.69 4.88
N ALA A 700 4.89 -4.22 3.70
CA ALA A 700 4.55 -3.50 2.48
C ALA A 700 4.37 -4.51 1.35
N ARG A 701 3.69 -4.06 0.30
CA ARG A 701 3.71 -4.84 -0.93
C ARG A 701 5.13 -4.84 -1.50
N VAL A 702 5.48 -5.92 -2.18
CA VAL A 702 6.71 -5.89 -2.99
C VAL A 702 6.67 -4.71 -3.95
N THR A 703 5.50 -4.43 -4.55
CA THR A 703 5.37 -3.30 -5.45
C THR A 703 5.69 -1.97 -4.76
N ASP A 704 5.33 -1.83 -3.47
CA ASP A 704 5.70 -0.64 -2.72
C ASP A 704 7.22 -0.47 -2.68
N VAL A 705 7.93 -1.56 -2.44
CA VAL A 705 9.39 -1.53 -2.45
C VAL A 705 9.89 -1.13 -3.83
N GLU A 706 9.29 -1.71 -4.89
CA GLU A 706 9.74 -1.41 -6.23
C GLU A 706 9.58 0.07 -6.53
N LEU A 707 8.44 0.65 -6.16
CA LEU A 707 8.19 2.05 -6.48
C LEU A 707 9.17 2.98 -5.77
N ILE A 708 9.52 2.68 -4.52
CA ILE A 708 10.30 3.59 -3.70
C ILE A 708 11.80 3.42 -3.87
N THR A 709 12.25 2.30 -4.45
CA THR A 709 13.67 2.05 -4.73
C THR A 709 14.02 2.09 -6.22
N GLY A 710 13.04 2.06 -7.12
CA GLY A 710 13.36 1.92 -8.54
C GLY A 710 13.99 0.60 -8.89
N LEU A 711 13.56 -0.48 -8.26
CA LEU A 711 14.04 -1.83 -8.50
C LEU A 711 12.86 -2.70 -8.90
N SER A 712 13.11 -3.72 -9.74
CA SER A 712 12.08 -4.68 -10.11
C SER A 712 12.55 -6.08 -9.81
N PHE A 713 11.71 -6.86 -9.13
CA PHE A 713 12.07 -8.18 -8.62
C PHE A 713 11.45 -9.30 -9.43
N TYR A 714 12.09 -10.47 -9.36
CA TYR A 714 11.59 -11.76 -9.82
C TYR A 714 11.47 -11.86 -11.34
N GLN A 715 12.23 -11.07 -12.11
CA GLN A 715 11.94 -10.99 -13.54
C GLN A 715 12.35 -12.24 -14.31
N ASP A 716 13.18 -13.10 -13.73
CA ASP A 716 13.59 -14.32 -14.40
C ASP A 716 12.73 -15.53 -14.03
N ARG A 717 11.70 -15.34 -13.21
CA ARG A 717 10.78 -16.43 -12.91
C ARG A 717 9.95 -16.78 -14.15
N GLN A 718 9.48 -18.03 -14.20
CA GLN A 718 8.75 -18.50 -15.36
C GLN A 718 7.25 -18.23 -15.29
N GLU A 719 6.74 -17.80 -14.13
CA GLU A 719 5.35 -17.38 -14.05
C GLU A 719 5.09 -16.22 -14.99
N SER A 720 3.84 -16.12 -15.43
CA SER A 720 3.43 -15.00 -16.27
C SER A 720 3.57 -13.68 -15.51
N VAL A 721 3.69 -12.59 -16.28
CA VAL A 721 3.82 -11.29 -15.65
C VAL A 721 2.61 -10.99 -14.76
N SER A 722 1.42 -11.39 -15.19
CA SER A 722 0.24 -11.10 -14.37
C SER A 722 0.26 -11.91 -13.08
N GLU A 723 0.69 -13.17 -13.13
CA GLU A 723 0.86 -13.94 -11.91
C GLU A 723 1.86 -13.29 -10.96
N LEU A 724 2.95 -12.75 -11.50
CA LEU A 724 3.95 -12.12 -10.63
C LEU A 724 3.43 -10.79 -10.08
N LEU A 725 2.55 -10.10 -10.81
CA LEU A 725 1.94 -8.89 -10.26
C LEU A 725 1.02 -9.21 -9.08
N ARG A 726 0.29 -10.33 -9.16
CA ARG A 726 -0.54 -10.75 -8.02
C ARG A 726 0.34 -10.96 -6.80
N LEU A 727 1.46 -11.66 -6.98
CA LEU A 727 2.38 -11.91 -5.88
C LEU A 727 2.89 -10.61 -5.31
N LYS A 728 3.25 -9.66 -6.18
CA LYS A 728 3.93 -8.48 -5.70
C LYS A 728 2.97 -7.42 -5.17
N THR A 729 1.67 -7.52 -5.44
CA THR A 729 0.74 -6.54 -4.90
C THR A 729 0.05 -7.00 -3.62
N HIS A 730 0.28 -8.25 -3.18
CA HIS A 730 -0.40 -8.78 -2.02
C HIS A 730 0.15 -8.17 -0.72
N LEU A 731 -0.73 -8.06 0.28
CA LEU A 731 -0.39 -7.62 1.63
C LEU A 731 -1.33 -8.34 2.59
N PRO A 732 -0.81 -8.92 3.70
CA PRO A 732 -1.68 -9.65 4.60
C PRO A 732 -2.54 -8.72 5.44
N ILE A 733 -3.77 -9.15 5.68
CA ILE A 733 -4.71 -8.42 6.51
C ILE A 733 -4.49 -8.82 7.97
N PHE A 734 -4.64 -7.86 8.89
CA PHE A 734 -4.56 -8.19 10.31
C PHE A 734 -5.94 -8.66 10.77
N SER A 735 -6.04 -9.93 11.16
CA SER A 735 -7.32 -10.49 11.58
C SER A 735 -7.58 -10.16 13.04
N GLN A 736 -8.80 -9.71 13.31
CA GLN A 736 -9.16 -9.22 14.62
C GLN A 736 -9.72 -10.33 15.51
C1 NAG B . 0.28 7.06 -8.21
C2 NAG B . 1.72 7.40 -7.89
C3 NAG B . 1.95 8.89 -8.15
C4 NAG B . 1.50 9.30 -9.55
C5 NAG B . 0.12 8.74 -9.89
C6 NAG B . -0.22 8.90 -11.36
C7 NAG B . 2.95 6.13 -6.17
C8 NAG B . 3.20 5.94 -4.69
N2 NAG B . 2.06 7.06 -6.50
O3 NAG B . 3.33 9.19 -7.97
O4 NAG B . 1.38 10.71 -9.56
O5 NAG B . 0.02 7.35 -9.59
O6 NAG B . 0.78 8.31 -12.18
O7 NAG B . 3.53 5.45 -7.02
C1 NAG B . 2.19 11.42 -10.52
C2 NAG B . 1.46 12.71 -10.84
C3 NAG B . 2.26 13.53 -11.85
C4 NAG B . 3.72 13.69 -11.42
C5 NAG B . 4.32 12.38 -10.92
C6 NAG B . 5.64 12.59 -10.19
C7 NAG B . -0.96 12.51 -10.54
C8 NAG B . -2.29 12.23 -11.21
N2 NAG B . 0.12 12.46 -11.33
O3 NAG B . 1.67 14.82 -11.96
O4 NAG B . 4.47 14.05 -12.58
O5 NAG B . 3.46 11.71 -9.99
O6 NAG B . 5.42 13.17 -8.90
O7 NAG B . -0.89 12.79 -9.34
C1 MAN B . 5.04 15.39 -12.67
C2 MAN B . 6.54 15.15 -13.11
C3 MAN B . 7.49 16.10 -12.37
C4 MAN B . 6.88 17.51 -12.33
C5 MAN B . 5.54 17.51 -11.54
C6 MAN B . 4.51 18.47 -12.10
O2 MAN B . 6.73 15.42 -14.51
O3 MAN B . 8.81 16.12 -12.94
O4 MAN B . 7.80 18.43 -11.73
O5 MAN B . 4.93 16.17 -11.49
O6 MAN B . 3.36 18.43 -11.28
C1 NAG C . -9.13 32.34 5.00
C2 NAG C . -8.81 33.81 5.24
C3 NAG C . -9.66 34.36 6.38
C4 NAG C . -11.14 34.05 6.17
C5 NAG C . -11.37 32.58 5.83
C6 NAG C . -12.78 32.31 5.37
C7 NAG C . -6.56 34.59 4.66
C8 NAG C . -5.14 34.73 5.11
N2 NAG C . -7.40 34.02 5.52
O3 NAG C . -9.48 35.77 6.44
O4 NAG C . -11.84 34.33 7.38
O5 NAG C . -10.52 32.19 4.75
O6 NAG C . -13.21 31.01 5.76
O7 NAG C . -6.92 34.98 3.55
C1 NAG D . -34.21 15.23 -2.90
C2 NAG D . -34.85 16.53 -3.31
C3 NAG D . -36.22 16.64 -2.68
C4 NAG D . -37.09 15.47 -3.10
C5 NAG D . -36.38 14.11 -2.93
C6 NAG D . -37.03 13.03 -3.77
C7 NAG D . -33.54 18.52 -3.90
C8 NAG D . -32.70 19.66 -3.40
N2 NAG D . -34.01 17.68 -2.99
O3 NAG D . -36.84 17.86 -3.07
O4 NAG D . -38.28 15.44 -2.32
O5 NAG D . -35.01 14.15 -3.35
O6 NAG D . -37.86 12.17 -2.99
O7 NAG D . -33.78 18.38 -5.10
C1 NAG E . 6.39 19.37 24.73
C2 NAG E . 7.86 19.09 24.33
C3 NAG E . 8.74 20.31 24.55
C4 NAG E . 8.13 21.54 23.87
C5 NAG E . 6.71 21.76 24.36
C6 NAG E . 6.04 22.88 23.60
C7 NAG E . 9.08 16.95 24.53
C8 NAG E . 9.48 15.84 25.44
N2 NAG E . 8.37 17.94 25.08
O3 NAG E . 10.02 20.08 23.96
O4 NAG E . 8.93 22.69 24.14
O5 NAG E . 5.94 20.58 24.10
O6 NAG E . 5.03 23.52 24.38
O7 NAG E . 9.38 16.94 23.33
P AMP F . -19.02 7.62 5.09
O1P AMP F . -19.62 7.50 6.44
O2P AMP F . -19.30 6.31 4.45
O3P AMP F . -17.57 8.03 5.17
O5' AMP F . -19.87 8.75 4.36
C5' AMP F . -21.27 8.58 4.16
C4' AMP F . -21.96 9.92 3.99
O4' AMP F . -21.64 10.47 2.68
C3' AMP F . -23.50 9.92 4.09
O3' AMP F . -23.91 11.13 4.72
C2' AMP F . -23.92 9.99 2.62
O2' AMP F . -25.22 10.53 2.43
C1' AMP F . -22.84 10.89 2.05
N9 AMP F . -22.65 10.83 0.61
C8 AMP F . -22.55 9.72 -0.18
N7 AMP F . -22.35 10.03 -1.45
C5 AMP F . -22.30 11.41 -1.46
C6 AMP F . -22.10 12.32 -2.50
N6 AMP F . -21.92 11.96 -3.78
N1 AMP F . -22.11 13.63 -2.17
C2 AMP F . -22.30 13.99 -0.88
N3 AMP F . -22.49 13.22 0.17
C4 AMP F . -22.47 11.92 -0.21
P 5GP G . -24.16 11.20 6.32
O1P 5GP G . -24.91 12.45 6.56
O3P 5GP G . -24.68 9.90 6.81
O5' 5GP G . -22.71 11.40 6.95
C5' 5GP G . -22.00 12.63 6.78
C4' 5GP G . -20.66 12.59 7.47
O4' 5GP G . -20.87 12.19 8.84
C3' 5GP G . -19.65 11.60 6.88
O3' 5GP G . -18.34 12.11 7.07
C2' 5GP G . -19.88 10.36 7.74
O2' 5GP G . -18.76 9.49 7.82
C1' 5GP G . -20.22 10.96 9.11
N9 5GP G . -21.16 10.16 9.90
C8 5GP G . -22.49 9.95 9.62
N7 5GP G . -23.09 9.22 10.52
C5 5GP G . -22.10 8.95 11.46
C6 5GP G . -22.16 8.20 12.66
O6 5GP G . -23.13 7.63 13.15
N1 5GP G . -20.93 8.18 13.31
C2 5GP G . -19.77 8.79 12.87
N2 5GP G . -18.68 8.65 13.64
N3 5GP G . -19.71 9.49 11.74
C4 5GP G . -20.90 9.53 11.10
ZN ZN H . -20.04 5.67 7.09
ZN ZN I . -19.00 4.74 3.20
CA CA J . 10.47 10.46 -3.50
CL CL K . -11.20 19.53 8.07
CL CL L . 10.86 -20.25 -12.38
CL CL M . -3.91 17.54 -3.12
CL CL N . -4.50 5.15 25.36
CL CL O . -17.02 7.09 10.95
CL CL P . -17.56 -8.45 -22.05
C1 EDO Q . -6.72 -4.70 -14.57
O1 EDO Q . -5.37 -4.66 -14.05
C2 EDO Q . -6.88 -5.86 -15.54
O2 EDO Q . -6.25 -7.00 -14.96
C1 EDO R . 28.17 5.40 2.59
O1 EDO R . 28.82 5.68 1.34
C2 EDO R . 28.50 3.97 3.01
O2 EDO R . 28.27 3.09 1.89
C1 EDO S . 4.66 -1.39 16.47
O1 EDO S . 5.30 -0.11 16.41
C2 EDO S . 3.16 -1.20 16.57
O2 EDO S . 2.46 -2.44 16.39
C1 EDO T . -13.60 18.72 10.90
O1 EDO T . -12.62 19.23 9.99
C2 EDO T . -13.08 17.40 11.45
O2 EDO T . -14.03 16.82 12.35
C1 EDO U . 0.90 11.48 -15.11
O1 EDO U . -0.26 11.72 -14.31
C2 EDO U . 2.07 10.99 -14.24
O2 EDO U . 1.97 9.59 -13.96
C1 EDO V . 0.38 23.40 21.72
O1 EDO V . 0.00 24.39 20.76
C2 EDO V . -0.85 22.59 22.11
O2 EDO V . -1.88 23.48 22.57
#